data_7Z2G
#
_entry.id   7Z2G
#
_cell.length_a   1.00
_cell.length_b   1.00
_cell.length_c   1.00
_cell.angle_alpha   90.00
_cell.angle_beta   90.00
_cell.angle_gamma   90.00
#
_symmetry.space_group_name_H-M   'P 1'
#
loop_
_entity.id
_entity.type
_entity.pdbx_description
1 polymer 'Reverse transcriptase/ribonuclease H'
2 polymer 'Reverse transcriptase/ribonuclease H'
3 polymer 'DNA (38-MER)'
4 non-polymer 3-chloro-5-({1-[(4-methyl-5-oxo-4,5-dihydro-1H-1,2,4-triazol-3-yl)methyl]-2-oxo-4-(trifluoromethyl)-1,2-dihydropyridin-3-yl}oxy)benzonitrile
#
loop_
_entity_poly.entity_id
_entity_poly.type
_entity_poly.pdbx_seq_one_letter_code
_entity_poly.pdbx_strand_id
1 'polypeptide(L)'
;MVPISPIETVPVKLKPGMDGPKVKQWPLTEEKIKALVEICTEMEKEGKISKIGPENPYNTPVFACKKKDSTKWRKLVDFR
ELNKRTQDFWEVQLGIPHPAGLKKKKSVTVLDVGDAYFSVPLDEDFRKYTAFTIPSINNETPGIRYQYNVLPQGWKGSPA
IFQSSMTKILEPFKKQNPDIVIYQYMDDLYVGSDLEIGQHRTKIEELRQHLLRWGLTTPDKKHQKEPPFLWMGYELHPDK
WTVQPIVLPEKDSWTVNDIQKLVGKLNWASQIYPGIKVRQLSKLLRGTKALTEVIPLTEEAELELAENREILKEPVHGVY
YDPSKDLIAEIQKQGQGQWTYQIYQEPFKNLKTGKYARMRGAHTNDVKQLTEAVQKITTESIVIWGKTPKFKLPIQKETW
ETWWTEYWQATWIPEWEFVNTPPLVKLWYQLEKEPIVGAETFYVDGAANRETKLGKAGYVTNKGRQKVVPLTNTTNQKTE
LQAIYLALQDSGLEVNIVTNSQYALGIIQAQPDKSESELVNQIIEQLIKKEKVYLAWVPAHKGIGGNEQVDKLVSA
;
A
2 'polypeptide(L)'
;PISPIETVPVKLKPGMDGPKVKQWPLTEEKIKALVEICTEMEKEGKISKIGPENPYNTPVFAIKKKDSTKWRKLVDFREL
NKRTQDFWEVQLGIPHPAGLKKKKSVTVLDVGDAYFSVPLDEDFRKYTAFTIPSINNETPGIRYQYNVLPQGWKGSPAIF
QSSMTKILEPFKKQNPDIVIYQYMDDLYVGSDLEIGQHRTKIEELRQHLLRWGLTTPDKKHQKEPPFLWMGYELHPDKWT
VQPIVLPEKDSWTVNDIQKLVGKLNWASQIYPGIKVRQLSKLLRGTKALTEVIPLTEEAELELAENREILKEPVHGVYYD
PSKDLIAEIQKQGQGQWTYQIYQEPFKNLKTGKYARMRGAHTNDVKQLTEAVQKITTESIVIWGKTPKFKLPIQKETWET
WWTEYWQATWIPEWEFVNTPPLVKLWYQ
;
B
3 'polydeoxyribonucleotide'
;(DT)(DA)(DA)(DT)(DT)(DC)(OMC)(DC)(OMC)(DC)(DC)(DC)(DT)(DT)(DC)(DG)(DG)(DT)(DG)
(DC)(DT)(DT)(DT)(DG)(DC)(DA)(DC)(DC)(DG)(DA)(DA)(DG)(DG)(DG)(DG)(DG)(DG)(DG)
;
E
#
loop_
_chem_comp.id
_chem_comp.type
_chem_comp.name
_chem_comp.formula
2KW non-polymer 3-chloro-5-({1-[(4-methyl-5-oxo-4,5-dihydro-1H-1,2,4-triazol-3-yl)methyl]-2-oxo-4-(trifluoromethyl)-1,2-dihydropyridin-3-yl}oxy)benzonitrile 'C17 H11 Cl F3 N5 O3'
DA DNA linking 2'-DEOXYADENOSINE-5'-MONOPHOSPHATE 'C10 H14 N5 O6 P'
DC DNA linking 2'-DEOXYCYTIDINE-5'-MONOPHOSPHATE 'C9 H14 N3 O7 P'
DG DNA linking 2'-DEOXYGUANOSINE-5'-MONOPHOSPHATE 'C10 H14 N5 O7 P'
DT DNA linking THYMIDINE-5'-MONOPHOSPHATE 'C10 H15 N2 O8 P'
OMC RNA linking O2'-METHYLYCYTIDINE-5'-MONOPHOSPHATE 'C10 H16 N3 O8 P'
#
# COMPACT_ATOMS: atom_id res chain seq x y z
N SER A 5 -43.56 9.76 0.37
CA SER A 5 -44.05 8.79 1.34
C SER A 5 -43.38 7.40 1.21
N PRO A 6 -43.44 6.76 0.03
CA PRO A 6 -42.93 5.39 -0.06
C PRO A 6 -41.44 5.31 -0.32
N ILE A 7 -40.70 4.73 0.62
CA ILE A 7 -39.29 4.41 0.43
C ILE A 7 -39.10 2.95 0.82
N GLU A 8 -38.48 2.17 -0.07
CA GLU A 8 -38.34 0.74 0.16
C GLU A 8 -37.41 0.47 1.34
N THR A 9 -37.79 -0.49 2.17
CA THR A 9 -37.04 -0.80 3.38
C THR A 9 -35.74 -1.53 3.03
N VAL A 10 -34.81 -1.51 3.98
CA VAL A 10 -33.53 -2.20 3.87
C VAL A 10 -33.45 -3.21 5.01
N PRO A 11 -33.06 -4.46 4.75
CA PRO A 11 -32.91 -5.42 5.85
C PRO A 11 -31.85 -4.96 6.84
N VAL A 12 -32.18 -5.07 8.12
CA VAL A 12 -31.25 -4.75 9.20
C VAL A 12 -31.39 -5.82 10.28
N LYS A 13 -30.26 -6.30 10.79
CA LYS A 13 -30.24 -7.33 11.82
C LYS A 13 -29.26 -6.97 12.92
N LEU A 14 -28.98 -7.93 13.80
CA LEU A 14 -28.01 -7.74 14.87
C LEU A 14 -26.90 -8.78 14.75
N LYS A 15 -25.78 -8.50 15.40
CA LYS A 15 -24.69 -9.46 15.43
C LYS A 15 -25.17 -10.74 16.12
N PRO A 16 -24.86 -11.91 15.55
CA PRO A 16 -25.47 -13.15 16.06
C PRO A 16 -25.09 -13.43 17.50
N GLY A 17 -26.02 -14.04 18.23
CA GLY A 17 -25.77 -14.51 19.58
C GLY A 17 -26.32 -13.67 20.71
N MET A 18 -27.05 -12.59 20.40
CA MET A 18 -27.61 -11.76 21.45
C MET A 18 -28.86 -11.05 20.95
N ASP A 19 -29.70 -10.64 21.89
CA ASP A 19 -30.90 -9.87 21.61
C ASP A 19 -30.57 -8.38 21.72
N GLY A 20 -31.60 -7.55 21.72
CA GLY A 20 -31.43 -6.12 21.85
C GLY A 20 -31.09 -5.70 23.26
N PRO A 21 -30.65 -4.45 23.42
CA PRO A 21 -30.30 -3.96 24.76
C PRO A 21 -31.53 -3.75 25.61
N LYS A 22 -31.33 -3.79 26.93
CA LYS A 22 -32.41 -3.57 27.90
C LYS A 22 -31.78 -2.94 29.15
N VAL A 23 -31.87 -1.62 29.22
CA VAL A 23 -31.37 -0.87 30.37
C VAL A 23 -32.55 -0.64 31.32
N LYS A 24 -32.23 -0.35 32.59
CA LYS A 24 -33.27 -0.19 33.60
C LYS A 24 -34.22 0.94 33.24
N GLN A 25 -35.50 0.74 33.51
CA GLN A 25 -36.51 1.76 33.24
C GLN A 25 -36.30 2.97 34.13
N TRP A 26 -36.62 4.14 33.59
CA TRP A 26 -36.36 5.42 34.25
C TRP A 26 -37.65 6.11 34.60
N PRO A 27 -37.81 6.61 35.83
CA PRO A 27 -39.03 7.30 36.29
C PRO A 27 -39.02 8.80 35.99
N LYS A 32 -42.08 16.78 31.40
CA LYS A 32 -41.42 15.53 31.07
C LYS A 32 -42.43 14.46 30.68
N ILE A 33 -43.23 14.02 31.66
CA ILE A 33 -44.25 13.02 31.40
C ILE A 33 -45.35 13.59 30.52
N LYS A 34 -45.59 14.89 30.59
CA LYS A 34 -46.60 15.57 29.79
C LYS A 34 -46.04 16.71 28.96
N ALA A 35 -45.09 17.48 29.50
CA ALA A 35 -44.55 18.62 28.77
C ALA A 35 -43.67 18.18 27.61
N LEU A 36 -42.81 17.18 27.83
CA LEU A 36 -41.92 16.73 26.76
C LEU A 36 -42.66 15.92 25.71
N VAL A 37 -43.76 15.26 26.08
CA VAL A 37 -44.53 14.48 25.11
C VAL A 37 -45.15 15.39 24.06
N GLU A 38 -45.41 16.65 24.41
CA GLU A 38 -45.95 17.59 23.42
C GLU A 38 -45.04 17.70 22.22
N ILE A 39 -43.71 17.78 22.45
CA ILE A 39 -42.77 17.76 21.34
C ILE A 39 -42.82 16.41 20.63
N CYS A 40 -42.82 15.32 21.40
CA CYS A 40 -42.87 13.99 20.81
C CYS A 40 -44.21 13.71 20.15
N THR A 41 -45.28 14.36 20.61
CA THR A 41 -46.59 14.17 19.98
C THR A 41 -46.57 14.67 18.54
N GLU A 42 -45.90 15.80 18.30
CA GLU A 42 -45.75 16.30 16.94
C GLU A 42 -45.05 15.28 16.05
N MET A 43 -44.04 14.60 16.59
CA MET A 43 -43.45 13.47 15.87
C MET A 43 -44.47 12.37 15.69
N GLU A 44 -45.27 12.09 16.72
CA GLU A 44 -46.32 11.08 16.59
C GLU A 44 -47.44 11.55 15.67
N LYS A 45 -47.57 12.86 15.47
CA LYS A 45 -48.53 13.36 14.50
C LYS A 45 -48.15 12.94 13.08
N GLU A 46 -46.87 13.15 12.71
CA GLU A 46 -46.41 12.75 11.39
C GLU A 46 -46.26 11.23 11.29
N GLY A 47 -45.68 10.61 12.32
CA GLY A 47 -45.47 9.18 12.30
C GLY A 47 -44.02 8.79 12.56
N LYS A 48 -43.23 9.72 13.11
CA LYS A 48 -41.84 9.41 13.42
C LYS A 48 -41.72 8.40 14.56
N ILE A 49 -42.62 8.47 15.54
CA ILE A 49 -42.58 7.62 16.71
C ILE A 49 -43.89 6.85 16.81
N SER A 50 -43.83 5.60 17.23
CA SER A 50 -44.99 4.72 17.27
C SER A 50 -45.32 4.31 18.70
N LYS A 51 -46.29 3.42 18.83
CA LYS A 51 -46.76 2.92 20.12
C LYS A 51 -46.28 1.49 20.29
N ILE A 52 -45.52 1.24 21.36
CA ILE A 52 -44.94 -0.07 21.64
C ILE A 52 -45.52 -0.60 22.94
N GLY A 53 -46.02 -1.83 22.90
CA GLY A 53 -46.62 -2.44 24.08
C GLY A 53 -45.57 -3.05 25.00
N PRO A 54 -46.05 -3.62 26.11
CA PRO A 54 -45.13 -4.24 27.07
C PRO A 54 -44.50 -5.52 26.59
N GLU A 55 -44.89 -6.05 25.43
CA GLU A 55 -44.30 -7.26 24.89
C GLU A 55 -42.92 -7.03 24.29
N ASN A 56 -42.37 -5.82 24.42
CA ASN A 56 -41.06 -5.46 23.89
C ASN A 56 -40.23 -4.91 25.03
N PRO A 57 -39.66 -5.79 25.87
CA PRO A 57 -38.92 -5.33 27.05
C PRO A 57 -37.61 -4.65 26.74
N TYR A 58 -37.21 -4.54 25.47
CA TYR A 58 -35.98 -3.84 25.14
C TYR A 58 -36.11 -2.37 25.51
N ASN A 59 -35.00 -1.80 26.00
CA ASN A 59 -35.01 -0.42 26.47
C ASN A 59 -33.65 0.20 26.22
N THR A 60 -33.65 1.52 26.04
CA THR A 60 -32.44 2.30 25.85
C THR A 60 -32.43 3.48 26.82
N PRO A 61 -31.24 3.95 27.21
CA PRO A 61 -31.18 5.06 28.17
C PRO A 61 -31.69 6.36 27.59
N VAL A 62 -32.84 6.81 28.06
CA VAL A 62 -33.42 8.05 27.57
C VAL A 62 -32.60 9.24 28.06
N PHE A 63 -32.67 10.33 27.31
CA PHE A 63 -31.95 11.55 27.65
C PHE A 63 -32.55 12.71 26.87
N ALA A 64 -32.80 13.82 27.56
CA ALA A 64 -33.36 15.01 26.94
C ALA A 64 -32.46 16.21 27.26
N CYS A 65 -32.24 17.05 26.26
CA CYS A 65 -31.39 18.23 26.41
C CYS A 65 -32.31 19.40 26.09
N LYS A 66 -31.91 20.59 26.53
CA LYS A 66 -32.56 21.85 26.14
C LYS A 66 -31.79 22.45 24.97
N LYS A 67 -32.43 22.55 23.82
CA LYS A 67 -31.79 23.10 22.64
C LYS A 67 -31.50 24.58 22.83
N LYS A 68 -30.33 25.01 22.39
CA LYS A 68 -29.90 26.40 22.52
C LYS A 68 -30.62 27.28 21.50
N ARG A 74 -34.63 17.71 22.51
CA ARG A 74 -33.34 17.34 21.87
C ARG A 74 -32.97 15.92 22.28
N LYS A 75 -33.77 14.95 21.84
CA LYS A 75 -33.60 13.61 22.40
C LYS A 75 -32.27 13.05 21.91
N LEU A 76 -31.21 13.23 22.70
CA LEU A 76 -29.92 12.63 22.42
C LEU A 76 -29.91 11.23 23.05
N VAL A 77 -30.57 10.30 22.36
CA VAL A 77 -30.76 8.96 22.89
C VAL A 77 -29.41 8.25 23.02
N ASP A 78 -29.26 7.47 24.09
CA ASP A 78 -28.07 6.67 24.30
C ASP A 78 -28.28 5.34 23.58
N PHE A 79 -27.56 5.16 22.48
CA PHE A 79 -27.67 3.96 21.65
C PHE A 79 -26.48 3.02 21.82
N ARG A 80 -25.58 3.30 22.76
CA ARG A 80 -24.25 2.70 22.73
C ARG A 80 -24.31 1.17 22.77
N GLU A 81 -25.24 0.61 23.53
CA GLU A 81 -25.40 -0.84 23.51
C GLU A 81 -25.99 -1.32 22.19
N LEU A 82 -27.05 -0.67 21.72
CA LEU A 82 -27.60 -0.99 20.40
C LEU A 82 -26.59 -0.65 19.30
N ASN A 83 -25.89 0.48 19.45
CA ASN A 83 -24.84 0.83 18.49
C ASN A 83 -23.77 -0.25 18.44
N LYS A 84 -23.47 -0.86 19.59
CA LYS A 84 -22.45 -1.90 19.65
C LYS A 84 -22.94 -3.21 19.04
N ARG A 85 -24.21 -3.56 19.29
CA ARG A 85 -24.73 -4.86 18.89
C ARG A 85 -25.43 -4.85 17.53
N THR A 86 -25.52 -3.71 16.87
CA THR A 86 -26.07 -3.67 15.52
C THR A 86 -25.06 -4.27 14.54
N GLN A 87 -25.58 -4.97 13.53
CA GLN A 87 -24.71 -5.64 12.56
C GLN A 87 -23.80 -4.63 11.88
N ASP A 88 -22.73 -5.15 11.28
CA ASP A 88 -21.75 -4.29 10.62
C ASP A 88 -22.33 -3.71 9.34
N PHE A 89 -22.24 -2.38 9.21
CA PHE A 89 -22.63 -1.68 8.00
C PHE A 89 -21.38 -1.20 7.30
N TRP A 90 -21.29 -1.45 6.00
CA TRP A 90 -20.13 -1.01 5.25
C TRP A 90 -20.13 0.52 5.11
N GLU A 91 -18.96 1.11 5.29
CA GLU A 91 -18.79 2.56 5.23
C GLU A 91 -18.47 2.96 3.79
N VAL A 92 -19.53 3.27 3.03
CA VAL A 92 -19.35 3.56 1.61
C VAL A 92 -18.76 4.94 1.38
N GLN A 93 -18.87 5.84 2.35
CA GLN A 93 -18.26 7.17 2.23
C GLN A 93 -16.76 7.02 2.38
N LEU A 94 -16.05 7.00 1.25
CA LEU A 94 -14.63 6.73 1.20
C LEU A 94 -13.76 7.98 1.25
N GLY A 95 -14.37 9.15 1.43
CA GLY A 95 -13.59 10.37 1.46
C GLY A 95 -14.49 11.59 1.56
N ILE A 96 -13.91 12.74 1.25
CA ILE A 96 -14.60 14.02 1.32
C ILE A 96 -14.33 14.82 0.06
N PRO A 97 -15.36 15.35 -0.62
CA PRO A 97 -15.12 16.15 -1.81
C PRO A 97 -14.24 17.35 -1.50
N HIS A 98 -13.34 17.66 -2.43
CA HIS A 98 -12.42 18.77 -2.24
C HIS A 98 -12.68 19.83 -3.29
N PRO A 99 -12.68 21.11 -2.92
CA PRO A 99 -13.00 22.17 -3.90
C PRO A 99 -12.07 22.19 -5.09
N ALA A 100 -10.80 21.85 -4.91
CA ALA A 100 -9.85 21.92 -6.01
C ALA A 100 -10.19 20.96 -7.14
N GLY A 101 -11.05 19.99 -6.90
CA GLY A 101 -11.43 19.05 -7.93
C GLY A 101 -12.79 19.32 -8.53
N LEU A 102 -13.32 20.53 -8.32
CA LEU A 102 -14.64 20.91 -8.82
C LEU A 102 -14.47 21.67 -10.13
N LYS A 103 -15.18 21.24 -11.15
CA LYS A 103 -15.02 21.89 -12.47
C LYS A 103 -15.80 23.18 -12.39
N LYS A 104 -15.29 24.21 -13.02
CA LYS A 104 -15.89 25.54 -12.98
C LYS A 104 -17.26 25.46 -13.64
N LYS A 105 -18.32 25.60 -12.84
CA LYS A 105 -19.67 25.55 -13.34
C LYS A 105 -20.24 26.96 -13.47
N LYS A 106 -21.04 27.16 -14.52
CA LYS A 106 -21.60 28.48 -14.76
C LYS A 106 -22.64 28.86 -13.72
N SER A 107 -23.53 27.94 -13.37
CA SER A 107 -24.57 28.20 -12.38
C SER A 107 -24.57 27.12 -11.32
N VAL A 108 -24.68 27.53 -10.05
CA VAL A 108 -24.61 26.62 -8.92
C VAL A 108 -25.80 26.86 -8.01
N THR A 109 -26.15 25.84 -7.22
CA THR A 109 -27.24 25.94 -6.26
C THR A 109 -27.04 24.86 -5.21
N VAL A 110 -27.03 25.24 -3.94
CA VAL A 110 -26.78 24.32 -2.83
C VAL A 110 -28.09 24.10 -2.08
N LEU A 111 -28.53 22.84 -2.04
CA LEU A 111 -29.77 22.45 -1.38
C LEU A 111 -29.41 21.65 -0.13
N ASP A 112 -30.01 22.01 0.99
CA ASP A 112 -29.74 21.34 2.27
C ASP A 112 -31.01 20.60 2.68
N VAL A 113 -31.05 19.30 2.38
CA VAL A 113 -32.23 18.49 2.65
C VAL A 113 -32.46 18.40 4.15
N GLY A 114 -33.56 18.99 4.62
CA GLY A 114 -33.92 18.89 6.02
C GLY A 114 -34.77 17.68 6.31
N ASP A 115 -34.86 17.34 7.60
CA ASP A 115 -35.59 16.15 8.06
C ASP A 115 -35.10 14.91 7.31
N ALA A 116 -33.78 14.80 7.17
CA ALA A 116 -33.20 13.71 6.37
C ALA A 116 -33.40 12.37 7.05
N TYR A 117 -32.85 12.21 8.27
CA TYR A 117 -32.97 10.94 8.96
C TYR A 117 -34.38 10.66 9.43
N PHE A 118 -35.24 11.67 9.46
CA PHE A 118 -36.60 11.53 9.98
C PHE A 118 -37.62 11.20 8.89
N SER A 119 -37.17 10.94 7.67
CA SER A 119 -38.08 10.64 6.56
C SER A 119 -37.75 9.32 5.88
N VAL A 120 -36.85 8.51 6.43
CA VAL A 120 -36.48 7.22 5.88
C VAL A 120 -37.05 6.14 6.79
N PRO A 121 -37.95 5.29 6.29
CA PRO A 121 -38.55 4.26 7.16
C PRO A 121 -37.55 3.19 7.54
N LEU A 122 -37.56 2.81 8.82
CA LEU A 122 -36.71 1.73 9.31
C LEU A 122 -37.46 0.41 9.20
N ASP A 123 -36.69 -0.67 9.04
CA ASP A 123 -37.28 -1.99 8.78
C ASP A 123 -38.14 -2.44 9.96
N GLU A 124 -39.31 -2.99 9.65
CA GLU A 124 -40.30 -3.30 10.68
C GLU A 124 -39.76 -4.28 11.71
N ASP A 125 -38.91 -5.22 11.30
CA ASP A 125 -38.36 -6.19 12.23
C ASP A 125 -37.48 -5.52 13.28
N PHE A 126 -36.67 -4.54 12.87
CA PHE A 126 -35.73 -3.90 13.77
C PHE A 126 -36.35 -2.76 14.57
N ARG A 127 -37.60 -2.38 14.27
CA ARG A 127 -38.20 -1.22 14.93
C ARG A 127 -38.25 -1.40 16.44
N LYS A 128 -38.58 -2.59 16.91
CA LYS A 128 -38.79 -2.82 18.34
C LYS A 128 -37.51 -2.64 19.15
N TYR A 129 -36.34 -2.71 18.52
CA TYR A 129 -35.09 -2.63 19.28
C TYR A 129 -34.77 -1.21 19.70
N THR A 130 -35.12 -0.22 18.88
CA THR A 130 -34.85 1.19 19.19
C THR A 130 -35.97 1.78 20.06
N ALA A 131 -36.16 1.15 21.22
CA ALA A 131 -37.23 1.53 22.12
C ALA A 131 -36.87 2.75 22.95
N PHE A 132 -37.86 3.25 23.67
CA PHE A 132 -37.73 4.48 24.45
C PHE A 132 -38.75 4.42 25.58
N THR A 133 -38.32 4.76 26.79
CA THR A 133 -39.15 4.58 27.98
C THR A 133 -39.35 5.93 28.67
N ILE A 134 -40.59 6.43 28.62
CA ILE A 134 -41.01 7.59 29.40
C ILE A 134 -42.39 7.28 29.98
N PRO A 135 -42.47 6.77 31.22
CA PRO A 135 -43.74 6.39 31.85
C PRO A 135 -44.38 7.53 32.64
N GLY A 143 -48.67 2.35 30.42
CA GLY A 143 -48.36 3.67 29.90
C GLY A 143 -48.14 3.67 28.40
N ILE A 144 -47.16 4.45 27.94
CA ILE A 144 -46.81 4.54 26.53
C ILE A 144 -45.30 4.34 26.40
N ARG A 145 -44.90 3.36 25.59
CA ARG A 145 -43.50 3.09 25.29
C ARG A 145 -43.25 3.46 23.84
N TYR A 146 -42.23 4.29 23.61
CA TYR A 146 -41.96 4.83 22.29
C TYR A 146 -41.04 3.91 21.50
N GLN A 147 -41.16 3.98 20.18
CA GLN A 147 -40.22 3.33 19.28
C GLN A 147 -40.06 4.22 18.05
N TYR A 148 -38.83 4.30 17.54
CA TYR A 148 -38.52 5.16 16.41
C TYR A 148 -39.00 4.48 15.14
N ASN A 149 -40.15 4.94 14.61
CA ASN A 149 -40.68 4.40 13.37
C ASN A 149 -39.86 4.81 12.16
N VAL A 150 -38.92 5.75 12.32
CA VAL A 150 -38.05 6.19 11.24
C VAL A 150 -36.60 5.99 11.66
N LEU A 151 -35.68 6.41 10.80
CA LEU A 151 -34.26 6.20 11.05
C LEU A 151 -33.81 7.07 12.21
N PRO A 152 -33.26 6.49 13.28
CA PRO A 152 -32.91 7.29 14.46
C PRO A 152 -31.69 8.16 14.23
N GLN A 153 -31.60 9.21 15.03
CA GLN A 153 -30.44 10.11 15.01
C GLN A 153 -29.35 9.56 15.92
N GLY A 154 -28.15 9.38 15.35
CA GLY A 154 -27.03 8.83 16.09
C GLY A 154 -26.87 7.33 15.99
N TRP A 155 -27.80 6.63 15.36
CA TRP A 155 -27.68 5.19 15.19
C TRP A 155 -26.56 4.87 14.20
N LYS A 156 -26.02 3.66 14.32
CA LYS A 156 -24.89 3.25 13.48
C LYS A 156 -25.26 3.23 12.00
N GLY A 157 -26.34 2.55 11.66
CA GLY A 157 -26.70 2.37 10.28
C GLY A 157 -27.44 3.52 9.63
N SER A 158 -27.72 4.58 10.39
CA SER A 158 -28.45 5.71 9.80
C SER A 158 -27.72 6.37 8.65
N PRO A 159 -26.43 6.72 8.75
CA PRO A 159 -25.78 7.40 7.62
C PRO A 159 -25.75 6.57 6.35
N ALA A 160 -25.32 5.30 6.44
CA ALA A 160 -25.19 4.47 5.25
C ALA A 160 -26.54 4.25 4.59
N ILE A 161 -27.57 3.92 5.39
CA ILE A 161 -28.89 3.65 4.83
C ILE A 161 -29.46 4.91 4.19
N PHE A 162 -29.32 6.05 4.87
CA PHE A 162 -29.83 7.29 4.31
C PHE A 162 -29.12 7.66 3.01
N GLN A 163 -27.79 7.50 2.98
CA GLN A 163 -27.04 7.83 1.78
C GLN A 163 -27.42 6.94 0.62
N SER A 164 -27.61 5.65 0.88
CA SER A 164 -27.98 4.73 -0.20
C SER A 164 -29.38 5.02 -0.70
N SER A 165 -30.32 5.35 0.20
CA SER A 165 -31.66 5.73 -0.24
C SER A 165 -31.62 7.01 -1.06
N MET A 166 -30.80 7.98 -0.65
CA MET A 166 -30.64 9.20 -1.44
C MET A 166 -30.09 8.91 -2.83
N THR A 167 -29.09 8.02 -2.91
CA THR A 167 -28.54 7.65 -4.21
C THR A 167 -29.59 6.97 -5.08
N LYS A 168 -30.37 6.06 -4.50
CA LYS A 168 -31.40 5.38 -5.26
C LYS A 168 -32.46 6.35 -5.76
N ILE A 169 -32.78 7.38 -4.96
CA ILE A 169 -33.75 8.38 -5.38
C ILE A 169 -33.17 9.25 -6.50
N LEU A 170 -31.90 9.65 -6.36
CA LEU A 170 -31.31 10.64 -7.26
C LEU A 170 -30.81 10.04 -8.57
N GLU A 171 -30.62 8.72 -8.65
CA GLU A 171 -30.09 8.14 -9.88
C GLU A 171 -30.97 8.40 -11.10
N PRO A 172 -32.30 8.18 -11.06
CA PRO A 172 -33.10 8.42 -12.28
C PRO A 172 -33.04 9.85 -12.78
N PHE A 173 -33.00 10.84 -11.88
CA PHE A 173 -32.91 12.22 -12.32
C PHE A 173 -31.59 12.49 -13.03
N LYS A 174 -30.48 11.98 -12.48
CA LYS A 174 -29.18 12.17 -13.11
C LYS A 174 -29.13 11.48 -14.46
N LYS A 175 -29.77 10.30 -14.59
CA LYS A 175 -29.88 9.67 -15.89
C LYS A 175 -30.67 10.55 -16.86
N GLN A 176 -31.75 11.16 -16.38
CA GLN A 176 -32.56 12.01 -17.24
C GLN A 176 -31.79 13.24 -17.71
N ASN A 177 -31.04 13.87 -16.81
CA ASN A 177 -30.30 15.10 -17.11
C ASN A 177 -28.81 14.84 -17.00
N PRO A 178 -28.10 14.69 -18.11
CA PRO A 178 -26.67 14.35 -18.03
C PRO A 178 -25.78 15.55 -17.74
N ASP A 179 -26.14 16.73 -18.24
CA ASP A 179 -25.30 17.91 -18.06
C ASP A 179 -25.33 18.44 -16.64
N ILE A 180 -26.37 18.12 -15.86
CA ILE A 180 -26.44 18.52 -14.47
C ILE A 180 -25.45 17.69 -13.66
N VAL A 181 -24.70 18.36 -12.79
CA VAL A 181 -23.75 17.68 -11.91
C VAL A 181 -24.26 17.85 -10.47
N ILE A 182 -24.36 16.75 -9.74
CA ILE A 182 -24.89 16.76 -8.39
C ILE A 182 -23.90 16.07 -7.48
N TYR A 183 -23.33 16.82 -6.54
CA TYR A 183 -22.50 16.25 -5.48
C TYR A 183 -23.37 16.00 -4.26
N GLN A 184 -23.39 14.78 -3.77
CA GLN A 184 -24.10 14.44 -2.54
C GLN A 184 -23.10 14.13 -1.44
N TYR A 185 -23.34 14.68 -0.25
CA TYR A 185 -22.49 14.42 0.91
C TYR A 185 -23.41 14.37 2.12
N MET A 186 -23.71 13.14 2.57
CA MET A 186 -24.69 12.90 3.63
C MET A 186 -26.04 13.51 3.27
N ASP A 187 -26.43 14.57 3.97
CA ASP A 187 -27.76 15.16 3.80
C ASP A 187 -27.73 16.47 3.02
N ASP A 188 -26.84 16.59 2.04
CA ASP A 188 -26.74 17.79 1.22
C ASP A 188 -26.45 17.61 -0.26
N LEU A 189 -27.17 18.37 -1.08
CA LEU A 189 -27.04 18.27 -2.53
C LEU A 189 -26.42 19.56 -3.04
N TYR A 190 -25.48 19.44 -3.96
CA TYR A 190 -24.83 20.60 -4.55
C TYR A 190 -24.98 20.39 -6.05
N VAL A 191 -25.72 21.29 -6.71
CA VAL A 191 -26.06 21.13 -8.11
C VAL A 191 -25.38 22.22 -8.92
N GLY A 192 -24.75 21.82 -10.01
CA GLY A 192 -24.09 22.76 -10.90
C GLY A 192 -24.44 22.44 -12.33
N SER A 193 -24.36 23.48 -13.17
CA SER A 193 -24.79 23.34 -14.56
C SER A 193 -24.13 24.40 -15.41
N ASP A 194 -23.89 24.06 -16.68
CA ASP A 194 -23.45 25.01 -17.68
C ASP A 194 -24.63 25.78 -18.29
N LEU A 195 -25.85 25.48 -17.87
CA LEU A 195 -27.02 26.16 -18.37
C LEU A 195 -27.08 27.60 -17.85
N GLU A 196 -27.89 28.42 -18.51
CA GLU A 196 -28.12 29.77 -18.04
C GLU A 196 -28.89 29.74 -16.72
N ILE A 197 -28.70 30.79 -15.92
CA ILE A 197 -29.24 30.79 -14.56
C ILE A 197 -30.77 30.80 -14.59
N GLY A 198 -31.36 31.42 -15.62
CA GLY A 198 -32.80 31.39 -15.75
C GLY A 198 -33.33 29.98 -15.98
N GLN A 199 -32.64 29.20 -16.80
CA GLN A 199 -32.97 27.80 -16.98
C GLN A 199 -32.50 26.95 -15.79
N HIS A 200 -31.44 27.41 -15.11
CA HIS A 200 -30.93 26.66 -13.97
C HIS A 200 -31.93 26.67 -12.82
N ARG A 201 -32.59 27.81 -12.57
CA ARG A 201 -33.66 27.83 -11.57
C ARG A 201 -34.75 26.84 -11.92
N THR A 202 -35.14 26.78 -13.19
CA THR A 202 -36.14 25.81 -13.62
C THR A 202 -35.69 24.39 -13.29
N LYS A 203 -34.47 24.03 -13.73
CA LYS A 203 -33.97 22.67 -13.52
C LYS A 203 -33.92 22.33 -12.04
N ILE A 204 -33.56 23.30 -11.20
CA ILE A 204 -33.61 23.10 -9.76
C ILE A 204 -35.05 22.86 -9.31
N GLU A 205 -36.01 23.53 -9.96
CA GLU A 205 -37.41 23.29 -9.60
C GLU A 205 -37.84 21.86 -9.91
N GLU A 206 -37.46 21.32 -11.08
CA GLU A 206 -37.81 19.91 -11.32
C GLU A 206 -37.06 18.99 -10.37
N LEU A 207 -35.81 19.32 -10.02
CA LEU A 207 -35.09 18.50 -9.05
C LEU A 207 -35.83 18.47 -7.71
N ARG A 208 -36.28 19.64 -7.26
CA ARG A 208 -37.00 19.72 -5.99
C ARG A 208 -38.32 18.96 -6.06
N GLN A 209 -39.04 19.08 -7.17
CA GLN A 209 -40.31 18.36 -7.31
C GLN A 209 -40.08 16.85 -7.29
N HIS A 210 -39.06 16.38 -8.01
CA HIS A 210 -38.75 14.96 -8.01
C HIS A 210 -38.35 14.47 -6.62
N LEU A 211 -37.56 15.27 -5.90
CA LEU A 211 -37.18 14.88 -4.54
C LEU A 211 -38.38 14.85 -3.61
N LEU A 212 -39.27 15.84 -3.73
CA LEU A 212 -40.44 15.90 -2.85
C LEU A 212 -41.44 14.78 -3.18
N ARG A 213 -41.42 14.28 -4.42
CA ARG A 213 -42.28 13.14 -4.76
C ARG A 213 -41.99 11.95 -3.86
N TRP A 214 -40.75 11.78 -3.43
CA TRP A 214 -40.34 10.64 -2.61
C TRP A 214 -40.42 10.92 -1.12
N GLY A 215 -40.92 12.08 -0.72
CA GLY A 215 -41.10 12.41 0.69
C GLY A 215 -40.02 13.28 1.30
N LEU A 216 -38.91 13.49 0.60
CA LEU A 216 -37.85 14.35 1.11
C LEU A 216 -38.28 15.81 1.00
N THR A 217 -38.23 16.53 2.12
CA THR A 217 -38.71 17.91 2.18
C THR A 217 -37.55 18.86 1.89
N THR A 218 -37.17 18.91 0.63
CA THR A 218 -36.09 19.80 0.22
C THR A 218 -36.56 21.25 0.28
N PRO A 219 -35.76 22.16 0.84
CA PRO A 219 -36.17 23.57 0.88
C PRO A 219 -36.32 24.16 -0.51
N ASP A 220 -37.29 25.07 -0.66
CA ASP A 220 -37.57 25.72 -1.93
C ASP A 220 -36.78 27.02 -2.09
N LYS A 221 -36.83 27.90 -1.09
CA LYS A 221 -36.10 29.16 -1.14
C LYS A 221 -35.40 29.51 0.17
N LYS A 222 -35.68 28.80 1.27
CA LYS A 222 -35.17 29.22 2.57
C LYS A 222 -33.66 29.04 2.66
N HIS A 223 -33.15 27.87 2.28
CA HIS A 223 -31.74 27.54 2.47
C HIS A 223 -30.97 27.44 1.16
N GLN A 224 -31.61 27.66 0.02
CA GLN A 224 -30.88 27.74 -1.24
C GLN A 224 -29.94 28.95 -1.21
N LYS A 225 -28.79 28.80 -1.86
CA LYS A 225 -27.73 29.79 -1.75
C LYS A 225 -27.31 30.30 -3.11
N GLU A 226 -26.70 31.49 -3.10
CA GLU A 226 -26.08 32.16 -4.23
C GLU A 226 -24.66 32.53 -3.84
N PRO A 227 -23.76 32.68 -4.81
CA PRO A 227 -22.34 32.90 -4.47
C PRO A 227 -22.15 34.11 -3.58
N PRO A 228 -21.30 34.02 -2.55
CA PRO A 228 -20.51 32.84 -2.18
C PRO A 228 -21.31 31.73 -1.49
N PHE A 229 -20.84 30.49 -1.62
CA PHE A 229 -21.43 29.35 -0.92
C PHE A 229 -20.48 28.92 0.19
N LEU A 230 -21.03 28.23 1.19
CA LEU A 230 -20.27 27.85 2.37
C LEU A 230 -20.35 26.35 2.59
N TRP A 231 -19.20 25.75 2.90
CA TRP A 231 -19.09 24.34 3.26
C TRP A 231 -18.02 24.23 4.33
N MET A 232 -17.60 22.99 4.65
CA MET A 232 -16.66 22.79 5.74
C MET A 232 -15.40 23.61 5.53
N GLY A 233 -15.25 24.66 6.34
CA GLY A 233 -14.17 25.61 6.19
C GLY A 233 -13.87 25.99 4.75
N TYR A 234 -14.91 26.09 3.91
CA TYR A 234 -14.73 26.27 2.48
C TYR A 234 -15.69 27.34 1.97
N GLU A 235 -15.16 28.54 1.71
CA GLU A 235 -15.90 29.58 1.01
C GLU A 235 -15.66 29.40 -0.48
N LEU A 236 -16.75 29.20 -1.23
CA LEU A 236 -16.69 28.92 -2.66
C LEU A 236 -17.28 30.12 -3.40
N HIS A 237 -16.42 30.85 -4.08
CA HIS A 237 -16.79 32.02 -4.85
C HIS A 237 -16.94 31.67 -6.32
N PRO A 238 -17.51 32.55 -7.14
CA PRO A 238 -17.80 32.17 -8.54
C PRO A 238 -16.61 31.63 -9.30
N ASP A 239 -15.38 32.13 -9.05
CA ASP A 239 -14.24 31.66 -9.82
C ASP A 239 -13.02 31.47 -8.92
N LYS A 240 -13.23 31.09 -7.66
CA LYS A 240 -12.12 30.79 -6.75
C LYS A 240 -12.68 30.00 -5.58
N TRP A 241 -11.83 29.78 -4.58
CA TRP A 241 -12.23 29.11 -3.35
C TRP A 241 -11.19 29.43 -2.29
N THR A 242 -11.59 29.32 -1.04
CA THR A 242 -10.66 29.62 0.07
C THR A 242 -11.20 28.95 1.33
N VAL A 243 -10.34 28.91 2.35
CA VAL A 243 -10.78 28.40 3.64
C VAL A 243 -11.47 29.52 4.42
N GLN A 244 -12.41 29.13 5.28
CA GLN A 244 -13.02 30.09 6.18
C GLN A 244 -11.96 30.62 7.15
N PRO A 245 -12.09 31.88 7.61
CA PRO A 245 -11.00 32.50 8.37
C PRO A 245 -10.50 31.67 9.54
N ILE A 246 -9.21 31.36 9.51
CA ILE A 246 -8.57 30.56 10.55
C ILE A 246 -7.97 31.54 11.56
N VAL A 247 -8.63 31.68 12.71
CA VAL A 247 -8.15 32.58 13.75
C VAL A 247 -7.27 31.79 14.71
N LEU A 248 -5.97 32.03 14.64
CA LEU A 248 -5.03 31.35 15.52
C LEU A 248 -5.04 32.02 16.89
N PRO A 249 -5.25 31.27 17.97
CA PRO A 249 -5.32 31.90 19.30
C PRO A 249 -4.02 32.61 19.63
N GLU A 250 -4.15 33.74 20.33
CA GLU A 250 -3.02 34.52 20.79
C GLU A 250 -3.05 34.55 22.32
N LYS A 251 -1.96 34.10 22.94
CA LYS A 251 -1.90 34.03 24.39
C LYS A 251 -0.44 33.94 24.81
N ASP A 252 -0.20 34.14 26.11
CA ASP A 252 1.14 34.19 26.67
C ASP A 252 1.52 32.94 27.45
N SER A 253 0.54 32.19 27.97
CA SER A 253 0.80 30.96 28.71
C SER A 253 0.13 29.81 27.97
N TRP A 254 0.92 29.09 27.16
CA TRP A 254 0.41 28.01 26.32
C TRP A 254 0.49 26.69 27.08
N THR A 255 -0.65 26.04 27.24
CA THR A 255 -0.67 24.67 27.74
C THR A 255 -0.67 23.71 26.55
N VAL A 256 -0.63 22.41 26.84
CA VAL A 256 -0.53 21.42 25.76
C VAL A 256 -1.78 21.43 24.90
N ASN A 257 -2.94 21.66 25.51
CA ASN A 257 -4.19 21.68 24.74
C ASN A 257 -4.18 22.79 23.70
N ASP A 258 -3.71 23.98 24.08
CA ASP A 258 -3.62 25.07 23.12
C ASP A 258 -2.63 24.75 22.01
N ILE A 259 -1.53 24.06 22.35
CA ILE A 259 -0.58 23.65 21.32
C ILE A 259 -1.20 22.67 20.34
N GLN A 260 -1.99 21.72 20.86
CA GLN A 260 -2.66 20.76 19.99
C GLN A 260 -3.65 21.46 19.07
N LYS A 261 -4.44 22.40 19.62
CA LYS A 261 -5.37 23.16 18.79
C LYS A 261 -4.62 23.96 17.73
N LEU A 262 -3.46 24.48 18.09
CA LEU A 262 -2.70 25.34 17.15
C LEU A 262 -2.26 24.44 16.01
N VAL A 263 -1.68 23.30 16.37
CA VAL A 263 -1.15 22.39 15.35
C VAL A 263 -2.26 21.96 14.40
N GLY A 264 -3.43 21.61 14.96
CA GLY A 264 -4.54 21.21 14.12
C GLY A 264 -4.99 22.32 13.18
N LYS A 265 -5.11 23.54 13.70
CA LYS A 265 -5.54 24.66 12.87
C LYS A 265 -4.52 24.97 11.78
N LEU A 266 -3.23 24.93 12.11
CA LEU A 266 -2.21 25.16 11.09
C LEU A 266 -2.22 24.08 10.02
N ASN A 267 -2.38 22.82 10.44
CA ASN A 267 -2.48 21.72 9.48
C ASN A 267 -3.66 21.90 8.55
N TRP A 268 -4.81 22.31 9.09
CA TRP A 268 -5.98 22.54 8.24
C TRP A 268 -5.76 23.71 7.30
N ALA A 269 -5.13 24.78 7.78
CA ALA A 269 -4.93 25.97 6.95
C ALA A 269 -3.84 25.78 5.91
N SER A 270 -3.00 24.76 6.05
CA SER A 270 -1.95 24.51 5.08
C SER A 270 -2.48 24.04 3.73
N GLN A 271 -3.76 23.72 3.62
CA GLN A 271 -4.30 23.23 2.35
C GLN A 271 -4.20 24.27 1.25
N ILE A 272 -4.27 25.56 1.60
CA ILE A 272 -4.17 26.62 0.59
C ILE A 272 -3.08 27.64 0.90
N TYR A 273 -2.69 27.84 2.15
CA TYR A 273 -1.62 28.79 2.44
C TYR A 273 -0.27 28.14 2.16
N PRO A 274 0.56 28.74 1.32
CA PRO A 274 1.88 28.17 1.06
C PRO A 274 2.87 28.50 2.18
N GLY A 275 3.85 27.63 2.34
CA GLY A 275 4.91 27.85 3.32
C GLY A 275 4.45 27.78 4.76
N ILE A 276 4.07 26.59 5.21
CA ILE A 276 3.64 26.37 6.59
C ILE A 276 4.54 25.33 7.22
N LYS A 277 5.06 25.62 8.41
CA LYS A 277 5.92 24.69 9.15
C LYS A 277 5.35 24.52 10.54
N VAL A 278 5.17 23.27 10.96
CA VAL A 278 4.60 22.97 12.27
C VAL A 278 5.43 21.93 13.02
N ARG A 279 6.65 21.67 12.54
CA ARG A 279 7.47 20.64 13.17
C ARG A 279 7.92 21.08 14.56
N GLN A 280 8.44 22.30 14.68
CA GLN A 280 8.92 22.78 15.97
C GLN A 280 7.77 23.08 16.93
N LEU A 281 6.58 23.39 16.40
CA LEU A 281 5.42 23.54 17.27
C LEU A 281 4.98 22.20 17.85
N SER A 282 5.05 21.13 17.07
CA SER A 282 4.69 19.81 17.56
C SER A 282 5.76 19.18 18.43
N LYS A 283 7.02 19.56 18.23
CA LYS A 283 8.09 18.98 19.04
C LYS A 283 7.94 19.30 20.52
N LEU A 284 7.23 20.37 20.86
CA LEU A 284 6.99 20.69 22.26
C LEU A 284 6.05 19.69 22.92
N LEU A 285 5.20 19.03 22.13
CA LEU A 285 4.25 18.07 22.69
C LEU A 285 4.95 16.83 23.25
N ARG A 286 6.17 16.55 22.81
CA ARG A 286 6.88 15.36 23.26
C ARG A 286 7.25 15.50 24.74
N GLY A 287 7.03 14.43 25.50
CA GLY A 287 7.40 14.39 26.90
C GLY A 287 6.36 14.88 27.87
N THR A 288 5.25 15.43 27.41
CA THR A 288 4.22 15.92 28.32
C THR A 288 3.51 14.75 29.01
N LYS A 289 2.98 15.03 30.20
CA LYS A 289 2.32 14.01 31.01
C LYS A 289 0.82 14.00 30.80
N ALA A 290 0.15 15.13 31.06
CA ALA A 290 -1.29 15.23 31.00
C ALA A 290 -1.71 16.34 30.04
N LEU A 291 -3.01 16.59 29.98
CA LEU A 291 -3.59 17.59 29.08
C LEU A 291 -3.79 18.94 29.75
N THR A 292 -3.01 19.25 30.78
CA THR A 292 -3.13 20.53 31.47
C THR A 292 -1.81 21.22 31.73
N GLU A 293 -0.68 20.51 31.79
CA GLU A 293 0.60 21.13 32.12
C GLU A 293 0.97 22.20 31.10
N VAL A 294 1.58 23.27 31.58
CA VAL A 294 2.02 24.36 30.73
C VAL A 294 3.46 24.09 30.30
N ILE A 295 3.68 24.05 29.00
CA ILE A 295 5.00 23.81 28.41
C ILE A 295 5.51 25.13 27.83
N PRO A 296 6.55 25.73 28.40
CA PRO A 296 7.09 26.96 27.82
C PRO A 296 7.65 26.70 26.43
N LEU A 297 7.50 27.68 25.55
CA LEU A 297 7.99 27.56 24.20
C LEU A 297 9.47 27.89 24.14
N THR A 298 10.12 27.42 23.08
CA THR A 298 11.52 27.74 22.83
C THR A 298 11.58 28.98 21.92
N GLU A 299 12.79 29.31 21.46
CA GLU A 299 12.90 30.33 20.42
C GLU A 299 12.53 29.77 19.05
N GLU A 300 12.84 28.49 18.80
CA GLU A 300 12.48 27.87 17.53
C GLU A 300 10.96 27.82 17.35
N ALA A 301 10.25 27.30 18.35
CA ALA A 301 8.80 27.18 18.25
C ALA A 301 8.15 28.55 18.17
N GLU A 302 8.60 29.51 18.98
CA GLU A 302 8.02 30.85 18.95
C GLU A 302 8.24 31.51 17.59
N LEU A 303 9.44 31.40 17.04
CA LEU A 303 9.72 31.98 15.74
C LEU A 303 8.89 31.31 14.65
N GLU A 304 8.75 29.98 14.72
CA GLU A 304 7.96 29.27 13.72
C GLU A 304 6.49 29.67 13.79
N LEU A 305 5.94 29.79 15.01
CA LEU A 305 4.55 30.21 15.14
C LEU A 305 4.35 31.63 14.66
N ALA A 306 5.29 32.53 14.97
CA ALA A 306 5.18 33.91 14.48
C ALA A 306 5.23 33.95 12.96
N GLU A 307 6.11 33.16 12.35
CA GLU A 307 6.17 33.09 10.90
C GLU A 307 4.87 32.53 10.31
N ASN A 308 4.32 31.50 10.95
CA ASN A 308 3.07 30.92 10.46
C ASN A 308 1.94 31.94 10.51
N ARG A 309 1.83 32.67 11.63
CA ARG A 309 0.79 33.69 11.73
C ARG A 309 1.00 34.81 10.72
N GLU A 310 2.25 35.23 10.52
CA GLU A 310 2.51 36.35 9.63
C GLU A 310 2.46 35.96 8.15
N ILE A 311 2.47 34.68 7.83
CA ILE A 311 2.16 34.27 6.46
C ILE A 311 0.65 34.02 6.32
N LEU A 312 -0.02 33.67 7.42
CA LEU A 312 -1.46 33.49 7.43
C LEU A 312 -2.23 34.79 7.51
N LYS A 313 -1.51 35.90 7.69
CA LYS A 313 -2.14 37.24 7.90
C LYS A 313 -2.87 37.75 6.64
N GLU A 314 -2.33 37.49 5.46
CA GLU A 314 -2.97 37.93 4.23
C GLU A 314 -3.89 36.84 3.68
N PRO A 315 -4.90 37.22 2.89
CA PRO A 315 -5.78 36.21 2.30
C PRO A 315 -5.16 35.59 1.05
N VAL A 316 -5.35 34.29 0.91
CA VAL A 316 -4.91 33.55 -0.26
C VAL A 316 -6.08 32.72 -0.75
N HIS A 317 -6.07 32.39 -2.05
CA HIS A 317 -7.18 31.74 -2.70
C HIS A 317 -6.68 30.60 -3.58
N GLY A 318 -7.56 29.62 -3.80
CA GLY A 318 -7.32 28.57 -4.77
C GLY A 318 -8.03 28.86 -6.08
N VAL A 319 -8.00 27.85 -6.97
CA VAL A 319 -8.68 27.91 -8.25
C VAL A 319 -9.33 26.56 -8.47
N TYR A 320 -10.32 26.53 -9.35
CA TYR A 320 -11.02 25.29 -9.66
C TYR A 320 -10.26 24.49 -10.71
N TYR A 321 -10.74 23.28 -10.96
CA TYR A 321 -10.11 22.39 -11.93
C TYR A 321 -10.40 22.85 -13.35
N ASP A 322 -9.61 22.33 -14.28
CA ASP A 322 -9.78 22.62 -15.71
C ASP A 322 -9.21 21.44 -16.49
N PRO A 323 -10.07 20.52 -16.97
CA PRO A 323 -9.55 19.28 -17.56
C PRO A 323 -8.76 19.48 -18.84
N SER A 324 -8.85 20.65 -19.47
CA SER A 324 -8.16 20.88 -20.73
C SER A 324 -6.65 21.05 -20.58
N LYS A 325 -6.15 21.15 -19.36
CA LYS A 325 -4.73 21.41 -19.13
C LYS A 325 -4.11 20.27 -18.33
N ASP A 326 -2.85 20.45 -17.93
CA ASP A 326 -2.08 19.43 -17.22
C ASP A 326 -1.66 19.95 -15.85
N LEU A 327 -1.80 19.10 -14.84
CA LEU A 327 -1.34 19.47 -13.50
C LEU A 327 0.18 19.48 -13.45
N ILE A 328 0.71 20.33 -12.58
CA ILE A 328 2.15 20.48 -12.38
C ILE A 328 2.39 20.65 -10.88
N ALA A 329 2.95 19.65 -10.24
CA ALA A 329 3.11 19.62 -8.79
C ALA A 329 4.58 19.85 -8.45
N GLU A 330 4.95 21.11 -8.26
CA GLU A 330 6.30 21.44 -7.82
C GLU A 330 6.54 20.93 -6.41
N ILE A 331 7.82 20.82 -6.04
CA ILE A 331 8.22 20.43 -4.70
C ILE A 331 9.40 21.29 -4.28
N GLN A 332 9.38 21.76 -3.03
CA GLN A 332 10.50 22.49 -2.45
C GLN A 332 10.83 21.90 -1.09
N LYS A 333 12.07 22.12 -0.67
CA LYS A 333 12.59 21.62 0.60
C LYS A 333 12.81 22.80 1.53
N GLN A 334 12.18 22.77 2.71
CA GLN A 334 12.24 23.87 3.65
C GLN A 334 13.24 23.64 4.77
N GLY A 335 14.03 22.58 4.71
CA GLY A 335 15.09 22.38 5.67
C GLY A 335 14.82 21.35 6.74
N GLN A 336 15.66 20.32 6.79
CA GLN A 336 15.66 19.30 7.84
C GLN A 336 14.29 18.62 7.91
N GLY A 337 14.03 17.83 6.87
CA GLY A 337 12.86 16.97 6.84
C GLY A 337 11.53 17.67 6.75
N GLN A 338 11.42 18.73 5.94
CA GLN A 338 10.16 19.38 5.65
C GLN A 338 10.09 19.69 4.16
N TRP A 339 9.00 19.31 3.52
CA TRP A 339 8.82 19.53 2.10
C TRP A 339 7.46 20.17 1.85
N THR A 340 7.34 20.90 0.75
CA THR A 340 6.10 21.58 0.43
C THR A 340 5.83 21.47 -1.07
N TYR A 341 4.58 21.21 -1.43
CA TYR A 341 4.19 21.09 -2.82
C TYR A 341 3.02 22.04 -3.11
N GLN A 342 3.01 22.56 -4.33
CA GLN A 342 1.97 23.49 -4.79
C GLN A 342 1.43 22.95 -6.12
N ILE A 343 0.42 22.10 -6.06
CA ILE A 343 -0.19 21.56 -7.26
C ILE A 343 -0.97 22.67 -7.96
N TYR A 344 -0.67 22.87 -9.24
CA TYR A 344 -1.31 23.93 -10.01
C TYR A 344 -1.43 23.51 -11.47
N GLN A 345 -2.33 24.18 -12.19
CA GLN A 345 -2.51 23.97 -13.62
C GLN A 345 -2.07 25.15 -14.45
N GLU A 346 -2.09 26.35 -13.90
CA GLU A 346 -1.61 27.57 -14.52
C GLU A 346 -0.54 28.18 -13.61
N PRO A 347 0.55 28.70 -14.18
CA PRO A 347 1.62 29.23 -13.34
C PRO A 347 1.13 30.29 -12.37
N PHE A 348 1.58 30.19 -11.12
CA PHE A 348 1.27 31.12 -10.05
C PHE A 348 -0.23 31.19 -9.74
N LYS A 349 -1.00 30.17 -10.17
CA LYS A 349 -2.42 30.06 -9.85
C LYS A 349 -2.63 28.66 -9.28
N ASN A 350 -2.43 28.52 -7.97
CA ASN A 350 -2.43 27.22 -7.33
C ASN A 350 -3.81 26.57 -7.38
N LEU A 351 -3.83 25.25 -7.48
CA LEU A 351 -5.02 24.47 -7.22
C LEU A 351 -5.05 23.94 -5.80
N LYS A 352 -3.90 23.51 -5.30
CA LYS A 352 -3.82 22.95 -3.96
C LYS A 352 -2.41 23.15 -3.43
N THR A 353 -2.28 23.27 -2.12
CA THR A 353 -0.98 23.40 -1.48
C THR A 353 -0.93 22.46 -0.30
N GLY A 354 0.23 21.85 -0.08
CA GLY A 354 0.33 20.93 1.03
C GLY A 354 1.66 21.01 1.77
N LYS A 355 1.97 19.97 2.53
CA LYS A 355 3.26 19.84 3.17
C LYS A 355 3.47 18.39 3.56
N TYR A 356 4.74 17.97 3.55
CA TYR A 356 5.14 16.63 3.94
C TYR A 356 6.26 16.75 4.94
N ALA A 357 5.97 16.47 6.21
CA ALA A 357 6.98 16.49 7.25
C ALA A 357 7.13 15.14 7.93
N ARG A 358 6.38 14.13 7.50
CA ARG A 358 6.46 12.81 8.11
C ARG A 358 7.82 12.19 7.84
N MET A 359 8.49 11.76 8.89
CA MET A 359 9.78 11.08 8.79
C MET A 359 9.60 9.66 9.28
N ARG A 360 9.66 8.71 8.36
CA ARG A 360 9.60 7.29 8.66
C ARG A 360 10.99 6.68 8.57
N GLY A 361 11.26 5.72 9.45
CA GLY A 361 12.57 5.10 9.47
C GLY A 361 13.58 5.90 10.24
N ALA A 362 14.38 5.23 11.07
CA ALA A 362 15.36 5.92 11.89
C ALA A 362 16.60 6.34 11.11
N HIS A 363 16.74 5.93 9.86
CA HIS A 363 17.92 6.25 9.06
C HIS A 363 17.48 6.46 7.62
N THR A 364 17.39 7.72 7.20
CA THR A 364 17.06 8.07 5.82
C THR A 364 17.83 9.31 5.43
N ASN A 365 18.02 9.47 4.11
CA ASN A 365 18.60 10.67 3.55
C ASN A 365 17.54 11.41 2.72
N ASP A 366 17.95 12.53 2.12
CA ASP A 366 16.98 13.45 1.54
C ASP A 366 16.29 12.86 0.30
N VAL A 367 16.98 12.04 -0.49
CA VAL A 367 16.38 11.51 -1.71
C VAL A 367 15.25 10.55 -1.37
N LYS A 368 15.42 9.76 -0.32
CA LYS A 368 14.35 8.87 0.10
C LYS A 368 13.11 9.66 0.53
N GLN A 369 13.32 10.76 1.26
CA GLN A 369 12.19 11.58 1.66
C GLN A 369 11.53 12.24 0.45
N LEU A 370 12.33 12.64 -0.53
CA LEU A 370 11.75 13.24 -1.73
C LEU A 370 10.89 12.25 -2.48
N THR A 371 11.36 11.00 -2.63
CA THR A 371 10.53 10.02 -3.35
C THR A 371 9.32 9.61 -2.53
N GLU A 372 9.42 9.61 -1.20
CA GLU A 372 8.24 9.38 -0.38
C GLU A 372 7.21 10.49 -0.58
N ALA A 373 7.66 11.75 -0.61
CA ALA A 373 6.75 12.85 -0.87
C ALA A 373 6.13 12.75 -2.25
N VAL A 374 6.91 12.30 -3.23
CA VAL A 374 6.40 12.15 -4.59
C VAL A 374 5.30 11.10 -4.63
N GLN A 375 5.50 9.97 -3.96
CA GLN A 375 4.45 8.95 -3.92
C GLN A 375 3.21 9.47 -3.20
N LYS A 376 3.40 10.23 -2.12
CA LYS A 376 2.26 10.79 -1.41
C LYS A 376 1.46 11.73 -2.31
N ILE A 377 2.15 12.63 -3.01
CA ILE A 377 1.46 13.55 -3.91
C ILE A 377 0.75 12.80 -5.02
N THR A 378 1.38 11.75 -5.55
CA THR A 378 0.75 10.94 -6.58
C THR A 378 -0.55 10.34 -6.09
N THR A 379 -0.54 9.75 -4.90
CA THR A 379 -1.77 9.09 -4.43
C THR A 379 -2.84 10.12 -4.07
N GLU A 380 -2.45 11.27 -3.49
CA GLU A 380 -3.45 12.31 -3.21
C GLU A 380 -4.08 12.81 -4.50
N SER A 381 -3.27 13.03 -5.54
CA SER A 381 -3.81 13.54 -6.80
C SER A 381 -4.66 12.51 -7.51
N ILE A 382 -4.33 11.23 -7.40
CA ILE A 382 -5.21 10.21 -7.96
C ILE A 382 -6.54 10.18 -7.22
N VAL A 383 -6.50 10.37 -5.90
CA VAL A 383 -7.78 10.45 -5.15
C VAL A 383 -8.60 11.64 -5.61
N ILE A 384 -7.98 12.81 -5.75
CA ILE A 384 -8.74 14.04 -5.95
C ILE A 384 -9.10 14.23 -7.42
N TRP A 385 -8.10 14.38 -8.28
CA TRP A 385 -8.35 14.80 -9.66
C TRP A 385 -8.50 13.64 -10.63
N GLY A 386 -7.77 12.54 -10.43
CA GLY A 386 -7.88 11.37 -11.25
C GLY A 386 -6.66 11.07 -12.10
N LYS A 387 -5.75 12.03 -12.28
CA LYS A 387 -4.56 11.80 -13.08
C LYS A 387 -3.34 12.37 -12.38
N THR A 388 -2.23 11.65 -12.48
CA THR A 388 -1.00 12.03 -11.79
C THR A 388 -0.40 13.29 -12.42
N PRO A 389 0.04 14.26 -11.62
CA PRO A 389 0.63 15.49 -12.19
C PRO A 389 1.98 15.25 -12.83
N LYS A 390 2.58 16.34 -13.32
CA LYS A 390 3.91 16.31 -13.93
C LYS A 390 4.87 16.99 -12.96
N PHE A 391 5.59 16.19 -12.18
CA PHE A 391 6.40 16.73 -11.09
C PHE A 391 7.53 17.59 -11.60
N LYS A 392 7.92 18.57 -10.79
CA LYS A 392 9.11 19.38 -11.03
C LYS A 392 9.95 19.32 -9.76
N LEU A 393 10.78 18.28 -9.67
CA LEU A 393 11.52 18.04 -8.45
C LEU A 393 12.80 18.88 -8.41
N PRO A 394 13.27 19.23 -7.22
CA PRO A 394 14.53 20.00 -7.09
C PRO A 394 15.75 19.10 -7.03
N ILE A 395 15.84 18.14 -7.95
CA ILE A 395 16.91 17.15 -7.94
C ILE A 395 17.43 16.97 -9.36
N GLN A 396 18.75 16.92 -9.50
CA GLN A 396 19.36 16.77 -10.82
C GLN A 396 19.23 15.33 -11.30
N LYS A 397 18.98 15.17 -12.60
CA LYS A 397 18.73 13.84 -13.15
C LYS A 397 19.90 12.90 -12.90
N GLU A 398 21.13 13.43 -12.97
CA GLU A 398 22.30 12.60 -12.70
C GLU A 398 22.33 12.11 -11.26
N THR A 399 21.90 12.94 -10.32
CA THR A 399 21.85 12.51 -8.92
C THR A 399 20.81 11.41 -8.73
N TRP A 400 19.64 11.55 -9.36
CA TRP A 400 18.64 10.51 -9.25
C TRP A 400 19.13 9.21 -9.87
N GLU A 401 19.83 9.30 -11.00
CA GLU A 401 20.38 8.09 -11.63
C GLU A 401 21.40 7.43 -10.70
N THR A 402 22.32 8.22 -10.16
CA THR A 402 23.32 7.68 -9.25
C THR A 402 22.66 7.01 -8.05
N TRP A 403 21.59 7.61 -7.53
CA TRP A 403 20.92 7.03 -6.37
C TRP A 403 20.21 5.73 -6.72
N TRP A 404 19.42 5.73 -7.79
CA TRP A 404 18.53 4.59 -8.04
C TRP A 404 19.25 3.42 -8.67
N THR A 405 20.33 3.64 -9.42
CA THR A 405 21.01 2.50 -10.03
C THR A 405 21.80 1.70 -9.00
N GLU A 406 22.49 2.40 -8.07
CA GLU A 406 23.36 1.75 -7.11
C GLU A 406 22.68 1.51 -5.75
N TYR A 407 21.36 1.35 -5.73
CA TYR A 407 20.63 1.13 -4.49
C TYR A 407 19.87 -0.20 -4.58
N TRP A 408 19.62 -0.82 -3.42
CA TRP A 408 19.07 -2.20 -3.37
C TRP A 408 17.55 -2.29 -3.34
N GLN A 409 16.83 -1.20 -3.57
CA GLN A 409 15.38 -1.29 -3.66
C GLN A 409 14.94 -0.88 -5.06
N ALA A 410 13.63 -0.80 -5.24
CA ALA A 410 13.03 -0.48 -6.53
C ALA A 410 12.30 0.85 -6.39
N THR A 411 13.03 1.94 -6.60
CA THR A 411 12.49 3.28 -6.45
C THR A 411 12.15 3.88 -7.81
N TRP A 412 10.98 4.49 -7.90
CA TRP A 412 10.54 5.12 -9.14
C TRP A 412 9.91 6.47 -8.85
N ILE A 413 9.97 7.36 -9.84
CA ILE A 413 9.32 8.66 -9.79
C ILE A 413 8.64 8.88 -11.14
N PRO A 414 7.34 9.18 -11.18
CA PRO A 414 6.55 8.98 -12.41
C PRO A 414 7.05 9.71 -13.64
N GLU A 415 7.12 11.03 -13.56
CA GLU A 415 7.57 11.87 -14.67
C GLU A 415 7.89 13.24 -14.13
N TRP A 416 9.11 13.72 -14.36
CA TRP A 416 9.53 14.90 -13.63
C TRP A 416 10.51 15.73 -14.45
N GLU A 417 10.58 16.99 -14.09
CA GLU A 417 11.58 17.94 -14.57
C GLU A 417 12.40 18.41 -13.39
N PHE A 418 13.39 19.26 -13.67
CA PHE A 418 14.33 19.73 -12.67
C PHE A 418 14.05 21.19 -12.34
N VAL A 419 14.12 21.52 -11.05
CA VAL A 419 13.94 22.89 -10.57
C VAL A 419 15.28 23.37 -10.04
N ASN A 420 15.82 24.42 -10.68
CA ASN A 420 17.14 24.94 -10.33
C ASN A 420 17.04 26.12 -9.36
N THR A 421 16.53 25.82 -8.17
CA THR A 421 16.38 26.81 -7.12
C THR A 421 16.76 26.21 -5.77
N PRO A 422 17.82 26.69 -5.13
CA PRO A 422 18.26 26.11 -3.87
C PRO A 422 17.29 26.41 -2.74
N PRO A 423 17.34 25.66 -1.63
CA PRO A 423 18.20 24.51 -1.37
C PRO A 423 17.86 23.30 -2.24
N LEU A 424 18.91 22.61 -2.69
CA LEU A 424 18.78 21.54 -3.67
C LEU A 424 19.19 20.22 -3.03
N VAL A 425 18.44 19.17 -3.34
CA VAL A 425 18.66 17.86 -2.75
C VAL A 425 19.70 17.09 -3.56
N LYS A 426 20.68 16.51 -2.87
CA LYS A 426 21.74 15.77 -3.53
C LYS A 426 22.32 14.79 -2.52
N LEU A 427 22.99 13.75 -3.05
CA LEU A 427 23.71 12.83 -2.20
C LEU A 427 24.93 13.51 -1.59
N TRP A 428 25.23 13.14 -0.35
CA TRP A 428 26.25 13.86 0.42
C TRP A 428 27.63 13.25 0.23
N TYR A 429 27.78 11.97 0.56
CA TYR A 429 29.07 11.29 0.47
C TYR A 429 28.90 10.01 -0.34
N GLN A 430 29.98 9.60 -0.99
CA GLN A 430 29.99 8.40 -1.83
C GLN A 430 31.01 7.42 -1.27
N LEU A 431 30.53 6.32 -0.73
CA LEU A 431 31.44 5.24 -0.33
C LEU A 431 32.12 4.66 -1.56
N GLU A 432 33.41 4.40 -1.44
CA GLU A 432 34.15 3.85 -2.56
C GLU A 432 33.75 2.40 -2.81
N LYS A 433 33.91 1.98 -4.07
CA LYS A 433 33.51 0.64 -4.47
C LYS A 433 34.62 -0.38 -4.37
N GLU A 434 35.87 0.04 -4.58
CA GLU A 434 37.01 -0.85 -4.59
C GLU A 434 38.05 -0.36 -3.59
N PRO A 435 38.88 -1.25 -3.06
CA PRO A 435 39.92 -0.81 -2.12
C PRO A 435 40.86 0.19 -2.78
N ILE A 436 41.28 1.18 -2.00
CA ILE A 436 42.05 2.31 -2.52
C ILE A 436 43.51 2.15 -2.15
N VAL A 437 44.39 2.40 -3.12
CA VAL A 437 45.81 2.13 -2.99
C VAL A 437 46.46 3.17 -2.07
N GLY A 438 47.37 2.69 -1.22
CA GLY A 438 48.22 3.57 -0.44
C GLY A 438 47.60 4.19 0.78
N ALA A 439 46.34 3.89 1.07
CA ALA A 439 45.65 4.47 2.22
C ALA A 439 45.57 3.45 3.35
N GLU A 440 45.37 3.98 4.57
CA GLU A 440 45.43 3.15 5.75
C GLU A 440 44.21 2.25 5.87
N THR A 441 44.41 1.11 6.51
CA THR A 441 43.37 0.11 6.75
C THR A 441 43.19 -0.08 8.24
N PHE A 442 41.95 0.05 8.71
CA PHE A 442 41.62 -0.10 10.12
C PHE A 442 40.74 -1.33 10.31
N TYR A 443 41.01 -2.09 11.37
CA TYR A 443 40.21 -3.24 11.75
C TYR A 443 39.56 -2.92 13.09
N VAL A 444 38.25 -2.69 13.08
CA VAL A 444 37.53 -2.21 14.25
C VAL A 444 36.69 -3.35 14.82
N ASP A 445 36.50 -3.31 16.14
CA ASP A 445 35.60 -4.26 16.79
C ASP A 445 35.22 -3.72 18.16
N GLY A 446 34.00 -4.02 18.57
CA GLY A 446 33.54 -3.69 19.91
C GLY A 446 32.79 -4.86 20.49
N ALA A 447 32.84 -4.97 21.81
CA ALA A 447 32.18 -6.06 22.50
C ALA A 447 31.58 -5.56 23.80
N ALA A 448 30.35 -5.97 24.08
CA ALA A 448 29.63 -5.57 25.29
C ALA A 448 29.05 -6.80 25.96
N ASN A 449 29.24 -6.89 27.28
CA ASN A 449 28.70 -8.03 28.03
C ASN A 449 27.19 -7.90 28.15
N ARG A 450 26.51 -9.04 28.03
CA ARG A 450 25.05 -9.05 28.06
C ARG A 450 24.49 -8.60 29.42
N GLU A 451 25.10 -9.06 30.51
CA GLU A 451 24.53 -8.82 31.83
C GLU A 451 25.00 -7.49 32.44
N THR A 452 26.31 -7.23 32.45
CA THR A 452 26.82 -6.02 33.08
C THR A 452 26.48 -4.77 32.30
N LYS A 453 26.09 -4.90 31.03
CA LYS A 453 25.74 -3.77 30.17
C LYS A 453 26.89 -2.77 30.08
N LEU A 454 28.12 -3.29 30.02
CA LEU A 454 29.32 -2.48 29.85
C LEU A 454 30.21 -3.15 28.84
N GLY A 455 30.88 -2.37 28.01
CA GLY A 455 31.70 -2.95 26.95
C GLY A 455 32.94 -2.15 26.63
N LYS A 456 33.52 -2.42 25.46
CA LYS A 456 34.70 -1.70 25.01
C LYS A 456 34.78 -1.74 23.49
N ALA A 457 35.26 -0.65 22.90
CA ALA A 457 35.38 -0.51 21.46
C ALA A 457 36.82 -0.14 21.10
N GLY A 458 37.37 -0.80 20.09
CA GLY A 458 38.75 -0.55 19.74
C GLY A 458 39.03 -0.89 18.29
N TYR A 459 40.27 -0.60 17.89
CA TYR A 459 40.70 -0.84 16.52
C TYR A 459 42.20 -1.10 16.48
N VAL A 460 42.61 -1.80 15.43
CA VAL A 460 44.01 -2.07 15.10
C VAL A 460 44.23 -1.67 13.65
N THR A 461 45.22 -0.83 13.41
CA THR A 461 45.51 -0.39 12.04
C THR A 461 46.49 -1.38 11.40
N ASN A 462 46.99 -1.03 10.21
CA ASN A 462 48.02 -1.84 9.57
C ASN A 462 49.39 -1.63 10.20
N LYS A 463 49.67 -0.42 10.68
CA LYS A 463 50.93 -0.06 11.33
C LYS A 463 51.08 -0.67 12.72
N GLY A 464 50.15 -1.51 13.16
CA GLY A 464 50.20 -2.07 14.49
C GLY A 464 49.65 -1.19 15.59
N ARG A 465 49.22 0.02 15.26
CA ARG A 465 48.64 0.91 16.27
C ARG A 465 47.28 0.38 16.70
N GLN A 466 47.11 0.20 18.00
CA GLN A 466 45.88 -0.32 18.57
C GLN A 466 45.37 0.66 19.62
N LYS A 467 44.08 0.98 19.55
CA LYS A 467 43.47 1.90 20.51
C LYS A 467 42.11 1.37 20.93
N VAL A 468 41.86 1.37 22.24
CA VAL A 468 40.63 0.82 22.81
C VAL A 468 40.11 1.74 23.90
N VAL A 469 38.79 1.85 24.00
CA VAL A 469 38.14 2.64 25.04
C VAL A 469 36.96 1.86 25.62
N PRO A 470 36.94 1.64 26.94
CA PRO A 470 35.72 1.17 27.59
C PRO A 470 34.56 2.12 27.40
N LEU A 471 33.35 1.56 27.42
CA LEU A 471 32.11 2.31 27.31
C LEU A 471 31.09 1.71 28.28
N THR A 472 30.20 2.56 28.79
CA THR A 472 29.19 2.17 29.75
C THR A 472 27.80 2.31 29.15
N ASN A 473 26.94 1.34 29.45
CA ASN A 473 25.55 1.32 28.97
C ASN A 473 25.49 1.39 27.45
N THR A 474 26.43 0.72 26.78
CA THR A 474 26.43 0.57 25.33
C THR A 474 26.46 -0.91 25.00
N THR A 475 25.55 -1.34 24.13
CA THR A 475 25.45 -2.73 23.73
C THR A 475 26.39 -3.02 22.56
N ASN A 476 26.25 -4.20 21.96
CA ASN A 476 27.18 -4.61 20.91
C ASN A 476 27.08 -3.69 19.69
N GLN A 477 25.87 -3.37 19.26
CA GLN A 477 25.70 -2.49 18.10
C GLN A 477 26.25 -1.09 18.40
N LYS A 478 25.95 -0.58 19.61
CA LYS A 478 26.45 0.74 19.99
C LYS A 478 27.96 0.77 19.98
N THR A 479 28.61 -0.25 20.56
CA THR A 479 30.06 -0.24 20.64
C THR A 479 30.71 -0.48 19.29
N GLU A 480 30.05 -1.22 18.39
CA GLU A 480 30.56 -1.35 17.03
C GLU A 480 30.52 -0.01 16.32
N LEU A 481 29.42 0.74 16.48
CA LEU A 481 29.35 2.06 15.87
C LEU A 481 30.38 3.01 16.47
N GLN A 482 30.64 2.89 17.78
CA GLN A 482 31.71 3.70 18.38
C GLN A 482 33.09 3.30 17.87
N ALA A 483 33.30 2.01 17.57
CA ALA A 483 34.55 1.60 16.95
C ALA A 483 34.71 2.25 15.58
N ILE A 484 33.64 2.29 14.80
CA ILE A 484 33.65 3.05 13.55
C ILE A 484 34.00 4.51 13.83
N TYR A 485 33.44 5.06 14.89
CA TYR A 485 33.69 6.46 15.26
C TYR A 485 35.16 6.70 15.52
N LEU A 486 35.80 5.83 16.31
CA LEU A 486 37.23 5.97 16.57
C LEU A 486 38.05 5.84 15.31
N ALA A 487 37.70 4.86 14.46
CA ALA A 487 38.43 4.68 13.20
C ALA A 487 38.37 5.94 12.35
N LEU A 488 37.21 6.59 12.31
CA LEU A 488 37.10 7.83 11.55
C LEU A 488 37.81 8.98 12.23
N GLN A 489 37.87 8.98 13.57
CA GLN A 489 38.61 10.03 14.28
C GLN A 489 40.09 9.98 13.94
N ASP A 490 40.72 8.81 14.09
CA ASP A 490 42.18 8.74 14.10
C ASP A 490 42.79 8.53 12.72
N SER A 491 42.00 8.52 11.66
CA SER A 491 42.53 8.28 10.33
C SER A 491 42.71 9.58 9.57
N GLY A 492 43.24 9.48 8.36
CA GLY A 492 43.44 10.61 7.48
C GLY A 492 42.23 10.87 6.61
N LEU A 493 42.47 11.53 5.48
CA LEU A 493 41.40 11.83 4.55
C LEU A 493 40.79 10.55 3.97
N GLU A 494 41.63 9.61 3.57
CA GLU A 494 41.17 8.35 2.99
C GLU A 494 41.47 7.21 3.96
N VAL A 495 40.59 6.20 3.96
CA VAL A 495 40.64 5.16 4.98
C VAL A 495 39.83 3.97 4.49
N ASN A 496 40.20 2.78 4.95
CA ASN A 496 39.44 1.56 4.66
C ASN A 496 39.10 0.88 6.00
N ILE A 497 37.85 0.99 6.42
CA ILE A 497 37.39 0.37 7.66
C ILE A 497 36.90 -1.04 7.35
N VAL A 498 37.33 -2.01 8.15
CA VAL A 498 36.89 -3.39 8.01
C VAL A 498 36.17 -3.79 9.29
N THR A 499 34.96 -4.32 9.15
CA THR A 499 34.11 -4.65 10.28
C THR A 499 33.71 -6.12 10.21
N ASN A 500 33.04 -6.57 11.27
CA ASN A 500 32.43 -7.89 11.29
C ASN A 500 30.96 -7.85 11.67
N SER A 501 30.38 -6.66 11.80
CA SER A 501 28.99 -6.49 12.18
C SER A 501 28.16 -6.12 10.96
N GLN A 502 27.08 -6.87 10.72
CA GLN A 502 26.21 -6.56 9.60
C GLN A 502 25.42 -5.28 9.83
N TYR A 503 24.99 -5.04 11.07
CA TYR A 503 24.16 -3.88 11.38
C TYR A 503 24.90 -2.58 11.08
N ALA A 504 26.16 -2.48 11.50
CA ALA A 504 26.91 -1.25 11.29
C ALA A 504 27.04 -0.98 9.80
N LEU A 505 27.49 -1.96 9.04
CA LEU A 505 27.67 -1.76 7.61
C LEU A 505 26.35 -1.41 6.94
N GLY A 506 25.26 -2.04 7.35
CA GLY A 506 23.96 -1.71 6.79
C GLY A 506 23.57 -0.26 7.06
N ILE A 507 23.83 0.20 8.28
CA ILE A 507 23.50 1.59 8.63
C ILE A 507 24.34 2.56 7.79
N ILE A 508 25.64 2.29 7.66
CA ILE A 508 26.50 3.24 6.96
C ILE A 508 26.38 3.14 5.44
N GLN A 509 25.87 2.02 4.91
CA GLN A 509 25.81 1.86 3.46
C GLN A 509 24.69 2.67 2.83
N ALA A 510 23.54 2.77 3.50
CA ALA A 510 22.36 3.40 2.94
C ALA A 510 22.55 4.90 2.72
N GLN A 511 23.72 5.43 3.09
CA GLN A 511 24.08 6.82 2.93
C GLN A 511 23.10 7.77 3.63
N PRO A 512 22.84 7.61 4.92
CA PRO A 512 21.88 8.49 5.58
C PRO A 512 22.42 9.90 5.74
N ASP A 513 21.51 10.85 5.84
CA ASP A 513 21.83 12.23 6.14
C ASP A 513 21.71 12.56 7.62
N LYS A 514 20.60 12.18 8.25
CA LYS A 514 20.43 12.38 9.68
C LYS A 514 19.70 11.18 10.25
N SER A 515 19.88 10.96 11.55
CA SER A 515 19.28 9.81 12.22
C SER A 515 18.82 10.23 13.60
N GLU A 516 17.84 9.48 14.12
CA GLU A 516 17.34 9.74 15.46
C GLU A 516 18.44 9.57 16.50
N SER A 517 19.27 8.54 16.34
CA SER A 517 20.43 8.38 17.20
C SER A 517 21.50 9.41 16.84
N GLU A 518 22.13 9.98 17.87
CA GLU A 518 23.16 10.98 17.67
C GLU A 518 24.49 10.38 17.22
N LEU A 519 24.75 9.12 17.59
CA LEU A 519 26.01 8.48 17.20
C LEU A 519 26.12 8.34 15.69
N VAL A 520 25.04 7.91 15.04
CA VAL A 520 25.02 7.86 13.58
C VAL A 520 25.17 9.26 13.01
N ASN A 521 24.61 10.26 13.68
CA ASN A 521 24.73 11.64 13.22
C ASN A 521 26.18 12.09 13.18
N GLN A 522 26.93 11.81 14.25
CA GLN A 522 28.34 12.21 14.25
C GLN A 522 29.17 11.38 13.28
N ILE A 523 28.84 10.09 13.12
CA ILE A 523 29.52 9.29 12.11
C ILE A 523 29.35 9.92 10.73
N ILE A 524 28.11 10.33 10.40
CA ILE A 524 27.87 10.98 9.12
C ILE A 524 28.61 12.31 9.04
N GLU A 525 28.67 13.05 10.15
CA GLU A 525 29.39 14.32 10.16
C GLU A 525 30.86 14.12 9.80
N GLN A 526 31.47 13.02 10.27
CA GLN A 526 32.84 12.72 9.86
C GLN A 526 32.94 12.19 8.43
N LEU A 527 31.99 11.35 8.00
CA LEU A 527 32.05 10.84 6.63
C LEU A 527 31.92 11.97 5.61
N ILE A 528 31.25 13.06 5.98
CA ILE A 528 31.19 14.21 5.07
C ILE A 528 32.58 14.77 4.82
N LYS A 529 33.39 14.86 5.88
CA LYS A 529 34.71 15.49 5.77
C LYS A 529 35.69 14.61 5.00
N LYS A 530 35.66 13.31 5.23
CA LYS A 530 36.60 12.40 4.58
C LYS A 530 36.43 12.44 3.07
N GLU A 531 37.55 12.40 2.35
CA GLU A 531 37.50 12.48 0.90
C GLU A 531 37.04 11.17 0.27
N LYS A 532 37.52 10.04 0.76
CA LYS A 532 37.19 8.75 0.18
C LYS A 532 37.21 7.68 1.26
N VAL A 533 36.10 6.97 1.40
CA VAL A 533 35.96 5.93 2.42
C VAL A 533 35.51 4.65 1.75
N TYR A 534 36.04 3.52 2.22
CA TYR A 534 35.64 2.20 1.74
C TYR A 534 35.45 1.30 2.94
N LEU A 535 34.31 0.61 2.99
CA LEU A 535 33.99 -0.31 4.08
C LEU A 535 33.85 -1.72 3.52
N ALA A 536 34.52 -2.67 4.17
CA ALA A 536 34.44 -4.07 3.79
C ALA A 536 34.11 -4.90 5.02
N TRP A 537 33.25 -5.90 4.84
CA TRP A 537 32.82 -6.76 5.93
C TRP A 537 33.53 -8.11 5.84
N VAL A 538 33.95 -8.61 7.00
CA VAL A 538 34.57 -9.93 7.10
C VAL A 538 33.89 -10.69 8.23
N PRO A 539 33.80 -12.02 8.15
CA PRO A 539 33.07 -12.76 9.18
C PRO A 539 33.77 -12.69 10.53
N ALA A 540 32.96 -12.83 11.58
CA ALA A 540 33.42 -12.69 12.95
C ALA A 540 33.75 -14.04 13.57
N HIS A 541 34.74 -14.04 14.46
CA HIS A 541 35.16 -15.23 15.20
C HIS A 541 35.54 -16.37 14.25
N LYS A 542 36.32 -16.05 13.21
CA LYS A 542 36.76 -17.08 12.27
C LYS A 542 38.21 -16.90 11.83
N GLY A 543 38.96 -15.98 12.44
CA GLY A 543 40.37 -15.85 12.15
C GLY A 543 40.70 -15.30 10.77
N ILE A 544 40.42 -14.02 10.55
CA ILE A 544 40.69 -13.37 9.27
C ILE A 544 41.59 -12.18 9.55
N GLY A 545 42.90 -12.37 9.38
CA GLY A 545 43.86 -11.29 9.51
C GLY A 545 43.84 -10.56 10.84
N GLY A 546 43.43 -9.29 10.81
CA GLY A 546 43.38 -8.45 12.00
C GLY A 546 42.20 -8.67 12.91
N ASN A 547 41.25 -9.51 12.49
CA ASN A 547 40.11 -9.80 13.35
C ASN A 547 40.55 -10.51 14.62
N GLU A 548 41.51 -11.43 14.52
CA GLU A 548 42.00 -12.11 15.71
C GLU A 548 42.58 -11.11 16.71
N GLN A 549 43.37 -10.14 16.23
CA GLN A 549 43.99 -9.19 17.14
C GLN A 549 42.95 -8.24 17.74
N VAL A 550 42.03 -7.73 16.91
CA VAL A 550 41.04 -6.78 17.42
C VAL A 550 39.99 -7.46 18.27
N ASP A 551 39.86 -8.78 18.19
CA ASP A 551 39.00 -9.53 19.11
C ASP A 551 39.74 -9.91 20.38
N LYS A 552 41.05 -10.17 20.30
CA LYS A 552 41.84 -10.38 21.50
C LYS A 552 41.86 -9.13 22.37
N LEU A 553 41.94 -7.96 21.73
CA LEU A 553 41.93 -6.71 22.50
C LEU A 553 40.63 -6.54 23.28
N VAL A 554 39.49 -6.84 22.65
CA VAL A 554 38.20 -6.68 23.32
C VAL A 554 37.83 -7.89 24.16
N SER A 555 38.62 -8.97 24.11
CA SER A 555 38.38 -10.16 24.90
C SER A 555 39.02 -10.09 26.28
N ALA A 556 39.69 -8.98 26.61
CA ALA A 556 40.32 -8.83 27.92
C ALA A 556 39.28 -8.47 28.96
N VAL B 8 -24.57 -25.19 -6.38
CA VAL B 8 -23.44 -25.82 -5.70
C VAL B 8 -23.12 -25.07 -4.42
N PRO B 9 -23.49 -25.67 -3.28
CA PRO B 9 -23.23 -25.02 -1.99
C PRO B 9 -21.74 -24.77 -1.79
N VAL B 10 -21.44 -23.59 -1.23
CA VAL B 10 -20.08 -23.20 -0.89
C VAL B 10 -20.08 -22.63 0.52
N LYS B 11 -19.04 -22.96 1.29
CA LYS B 11 -18.99 -22.56 2.69
C LYS B 11 -17.60 -22.05 3.02
N LEU B 12 -17.55 -21.17 4.03
CA LEU B 12 -16.29 -20.65 4.51
C LEU B 12 -15.58 -21.68 5.38
N LYS B 13 -14.39 -21.31 5.85
CA LYS B 13 -13.77 -22.05 6.95
C LYS B 13 -14.30 -21.50 8.28
N PRO B 14 -14.83 -22.35 9.16
CA PRO B 14 -15.47 -21.84 10.37
C PRO B 14 -14.50 -21.06 11.24
N GLY B 15 -15.01 -19.98 11.83
CA GLY B 15 -14.20 -19.14 12.70
C GLY B 15 -13.45 -18.02 12.02
N MET B 16 -13.84 -17.63 10.81
CA MET B 16 -13.19 -16.54 10.10
C MET B 16 -14.23 -15.58 9.54
N ASP B 17 -13.96 -14.28 9.69
CA ASP B 17 -14.79 -13.26 9.09
C ASP B 17 -14.51 -13.17 7.59
N GLY B 18 -15.50 -12.68 6.84
CA GLY B 18 -15.39 -12.58 5.42
C GLY B 18 -14.42 -11.48 5.00
N PRO B 19 -14.22 -11.35 3.70
CA PRO B 19 -13.28 -10.33 3.21
C PRO B 19 -13.79 -8.93 3.51
N LYS B 20 -12.92 -8.11 4.10
CA LYS B 20 -13.27 -6.75 4.49
C LYS B 20 -12.16 -5.79 4.09
N VAL B 21 -11.69 -5.92 2.85
CA VAL B 21 -10.55 -5.15 2.37
C VAL B 21 -11.05 -3.87 1.71
N LYS B 22 -10.32 -2.79 1.92
CA LYS B 22 -10.69 -1.48 1.40
C LYS B 22 -10.18 -1.31 -0.03
N GLN B 23 -10.86 -0.46 -0.78
CA GLN B 23 -10.54 -0.22 -2.19
C GLN B 23 -9.53 0.91 -2.32
N TRP B 24 -8.46 0.66 -3.07
CA TRP B 24 -7.46 1.69 -3.30
C TRP B 24 -7.92 2.65 -4.40
N PRO B 25 -7.46 3.90 -4.37
CA PRO B 25 -7.87 4.86 -5.40
C PRO B 25 -7.35 4.48 -6.78
N LEU B 26 -8.11 4.87 -7.80
CA LEU B 26 -7.84 4.47 -9.17
C LEU B 26 -7.79 5.70 -10.08
N THR B 27 -7.10 5.54 -11.20
CA THR B 27 -7.03 6.56 -12.23
C THR B 27 -8.40 6.74 -12.90
N GLU B 28 -8.62 7.92 -13.47
CA GLU B 28 -9.91 8.21 -14.10
C GLU B 28 -10.19 7.26 -15.25
N GLU B 29 -9.18 6.96 -16.07
CA GLU B 29 -9.36 6.04 -17.18
C GLU B 29 -9.81 4.67 -16.67
N LYS B 30 -9.15 4.17 -15.63
CA LYS B 30 -9.51 2.88 -15.06
C LYS B 30 -10.92 2.89 -14.48
N ILE B 31 -11.29 3.98 -13.80
CA ILE B 31 -12.62 4.04 -13.19
C ILE B 31 -13.71 4.08 -14.26
N LYS B 32 -13.52 4.91 -15.29
CA LYS B 32 -14.57 5.01 -16.31
C LYS B 32 -14.53 3.86 -17.31
N ALA B 33 -13.50 3.02 -17.28
CA ALA B 33 -13.58 1.74 -17.98
C ALA B 33 -14.24 0.67 -17.12
N LEU B 34 -13.97 0.67 -15.82
CA LEU B 34 -14.65 -0.24 -14.91
C LEU B 34 -16.16 -0.02 -14.93
N VAL B 35 -16.59 1.24 -14.97
CA VAL B 35 -18.01 1.53 -14.97
C VAL B 35 -18.66 0.99 -16.24
N GLU B 36 -18.03 1.21 -17.39
CA GLU B 36 -18.60 0.77 -18.66
C GLU B 36 -18.47 -0.73 -18.88
N ILE B 37 -17.62 -1.40 -18.10
CA ILE B 37 -17.63 -2.87 -18.12
C ILE B 37 -18.72 -3.40 -17.19
N CYS B 38 -18.84 -2.81 -16.00
CA CYS B 38 -19.79 -3.30 -15.00
C CYS B 38 -21.23 -3.05 -15.41
N THR B 39 -21.49 -2.00 -16.18
CA THR B 39 -22.85 -1.78 -16.68
C THR B 39 -23.30 -2.94 -17.56
N GLU B 40 -22.49 -3.29 -18.55
CA GLU B 40 -22.84 -4.40 -19.44
C GLU B 40 -22.82 -5.74 -18.70
N MET B 41 -21.97 -5.88 -17.69
CA MET B 41 -22.00 -7.10 -16.89
C MET B 41 -23.30 -7.21 -16.10
N GLU B 42 -23.80 -6.09 -15.57
CA GLU B 42 -25.03 -6.10 -14.79
C GLU B 42 -26.25 -6.26 -15.69
N LYS B 43 -26.20 -5.76 -16.91
CA LYS B 43 -27.34 -5.87 -17.82
C LYS B 43 -27.73 -7.34 -18.04
N GLU B 44 -26.75 -8.21 -18.24
CA GLU B 44 -26.98 -9.61 -18.52
C GLU B 44 -26.85 -10.49 -17.29
N GLY B 45 -27.06 -9.93 -16.09
CA GLY B 45 -27.23 -10.70 -14.88
C GLY B 45 -25.96 -11.17 -14.22
N LYS B 46 -24.79 -10.84 -14.75
CA LYS B 46 -23.55 -11.33 -14.15
C LYS B 46 -23.34 -10.76 -12.75
N ILE B 47 -23.60 -9.47 -12.55
CA ILE B 47 -23.45 -8.82 -11.26
C ILE B 47 -24.69 -7.98 -10.98
N SER B 48 -25.09 -7.94 -9.71
CA SER B 48 -26.26 -7.19 -9.27
C SER B 48 -25.85 -6.26 -8.14
N LYS B 49 -26.45 -5.07 -8.12
CA LYS B 49 -26.11 -4.07 -7.12
C LYS B 49 -26.54 -4.52 -5.73
N ILE B 50 -25.93 -3.93 -4.71
CA ILE B 50 -26.17 -4.29 -3.32
C ILE B 50 -26.23 -3.02 -2.49
N GLY B 51 -26.81 -3.14 -1.29
CA GLY B 51 -26.97 -2.00 -0.41
C GLY B 51 -26.01 -1.99 0.75
N PRO B 52 -26.23 -1.09 1.70
CA PRO B 52 -25.31 -0.98 2.86
C PRO B 52 -25.22 -2.24 3.69
N GLU B 53 -26.25 -3.08 3.70
CA GLU B 53 -26.33 -4.19 4.64
C GLU B 53 -25.28 -5.26 4.37
N ASN B 54 -24.58 -5.20 3.23
CA ASN B 54 -23.54 -6.17 2.93
C ASN B 54 -22.22 -5.62 3.47
N PRO B 55 -21.66 -6.19 4.53
CA PRO B 55 -20.47 -5.61 5.16
C PRO B 55 -19.14 -6.09 4.58
N TYR B 56 -19.12 -6.71 3.41
CA TYR B 56 -17.92 -7.30 2.84
C TYR B 56 -17.53 -6.58 1.55
N ASN B 57 -16.23 -6.48 1.31
CA ASN B 57 -15.74 -5.77 0.15
C ASN B 57 -14.37 -6.32 -0.23
N THR B 58 -14.10 -6.37 -1.53
CA THR B 58 -12.79 -6.72 -2.07
C THR B 58 -12.38 -5.69 -3.11
N PRO B 59 -11.08 -5.43 -3.27
CA PRO B 59 -10.64 -4.44 -4.24
C PRO B 59 -10.96 -4.86 -5.66
N VAL B 60 -10.93 -3.89 -6.56
CA VAL B 60 -11.16 -4.13 -7.98
C VAL B 60 -10.41 -3.07 -8.77
N PHE B 61 -9.81 -3.49 -9.88
CA PHE B 61 -9.06 -2.56 -10.71
C PHE B 61 -8.93 -3.10 -12.12
N ALA B 62 -8.69 -2.19 -13.07
CA ALA B 62 -8.71 -2.51 -14.48
C ALA B 62 -7.28 -2.63 -15.01
N ILE B 63 -7.02 -3.69 -15.77
CA ILE B 63 -5.74 -3.91 -16.42
C ILE B 63 -5.95 -3.98 -17.93
N LYS B 64 -4.86 -4.10 -18.68
CA LYS B 64 -4.91 -4.26 -20.13
C LYS B 64 -3.98 -5.40 -20.50
N LYS B 65 -4.54 -6.53 -20.94
CA LYS B 65 -3.76 -7.73 -21.23
C LYS B 65 -3.17 -7.64 -22.64
N LYS B 66 -1.85 -7.82 -22.72
CA LYS B 66 -1.13 -7.88 -24.00
C LYS B 66 -1.32 -6.60 -24.82
N ASP B 67 -1.63 -5.49 -24.15
CA ASP B 67 -1.83 -4.19 -24.79
C ASP B 67 -2.85 -4.29 -25.93
N SER B 68 -3.97 -4.95 -25.63
CA SER B 68 -5.01 -5.18 -26.62
C SER B 68 -5.96 -3.99 -26.78
N THR B 69 -5.64 -2.84 -26.18
CA THR B 69 -6.40 -1.60 -26.29
C THR B 69 -7.75 -1.71 -25.58
N LYS B 70 -8.08 -2.93 -25.14
CA LYS B 70 -9.34 -3.12 -24.38
C LYS B 70 -9.00 -3.23 -22.89
N TRP B 71 -10.00 -3.30 -22.03
CA TRP B 71 -9.73 -3.33 -20.57
C TRP B 71 -10.35 -4.57 -19.92
N ARG B 72 -9.63 -5.22 -19.02
CA ARG B 72 -10.14 -6.35 -18.26
C ARG B 72 -10.21 -5.97 -16.79
N LYS B 73 -11.09 -6.63 -16.06
CA LYS B 73 -11.36 -6.29 -14.67
C LYS B 73 -10.81 -7.39 -13.76
N LEU B 74 -9.91 -7.01 -12.85
CA LEU B 74 -9.40 -7.90 -11.82
C LEU B 74 -10.05 -7.56 -10.50
N VAL B 75 -10.40 -8.58 -9.73
CA VAL B 75 -10.94 -8.42 -8.38
C VAL B 75 -9.99 -9.14 -7.43
N ASP B 76 -9.41 -8.39 -6.50
CA ASP B 76 -8.45 -8.95 -5.56
C ASP B 76 -9.15 -9.94 -4.64
N PHE B 77 -8.91 -11.23 -4.86
CA PHE B 77 -9.53 -12.28 -4.07
C PHE B 77 -8.53 -12.99 -3.16
N ARG B 78 -7.40 -12.35 -2.86
CA ARG B 78 -6.36 -13.00 -2.07
C ARG B 78 -6.80 -13.33 -0.66
N GLU B 79 -7.87 -12.72 -0.17
CA GLU B 79 -8.38 -13.03 1.16
C GLU B 79 -9.51 -14.04 1.13
N LEU B 80 -10.42 -13.93 0.16
CA LEU B 80 -11.50 -14.91 0.07
C LEU B 80 -10.96 -16.31 -0.20
N ASN B 81 -9.88 -16.41 -0.98
CA ASN B 81 -9.23 -17.70 -1.18
C ASN B 81 -8.62 -18.21 0.12
N LYS B 82 -7.96 -17.33 0.87
CA LYS B 82 -7.39 -17.74 2.15
C LYS B 82 -8.47 -18.22 3.11
N ARG B 83 -9.68 -17.70 2.97
CA ARG B 83 -10.78 -18.17 3.81
C ARG B 83 -11.34 -19.51 3.31
N THR B 84 -11.72 -19.58 2.04
CA THR B 84 -12.26 -20.82 1.48
C THR B 84 -11.19 -21.64 0.77
N GLN B 85 -10.03 -21.84 1.42
CA GLN B 85 -9.10 -22.84 0.92
C GLN B 85 -9.62 -24.27 1.07
N ASP B 86 -10.59 -24.50 1.96
CA ASP B 86 -11.15 -25.84 2.10
C ASP B 86 -11.88 -26.27 0.83
N PHE B 87 -12.66 -25.36 0.24
CA PHE B 87 -13.39 -25.68 -0.98
C PHE B 87 -12.45 -25.90 -2.18
N TRP B 88 -11.19 -25.49 -2.06
CA TRP B 88 -10.24 -25.57 -3.17
C TRP B 88 -9.21 -26.68 -3.00
N GLU B 89 -8.87 -27.07 -1.77
CA GLU B 89 -7.85 -28.08 -1.56
C GLU B 89 -8.38 -29.35 -0.92
N VAL B 90 -9.57 -29.33 -0.33
CA VAL B 90 -10.19 -30.50 0.28
C VAL B 90 -11.30 -31.06 -0.59
N GLN B 91 -12.19 -30.19 -1.09
CA GLN B 91 -13.28 -30.64 -1.95
C GLN B 91 -12.75 -31.27 -3.22
N LEU B 92 -12.08 -30.48 -4.07
CA LEU B 92 -11.46 -31.02 -5.27
C LEU B 92 -10.43 -30.03 -5.78
N GLY B 93 -9.16 -30.43 -5.77
CA GLY B 93 -8.11 -29.67 -6.41
C GLY B 93 -7.33 -30.56 -7.36
N ILE B 94 -7.19 -30.13 -8.61
CA ILE B 94 -6.54 -31.00 -9.61
C ILE B 94 -5.07 -31.20 -9.24
N PRO B 95 -4.59 -32.44 -9.15
CA PRO B 95 -3.18 -32.66 -8.84
C PRO B 95 -2.28 -32.15 -9.96
N HIS B 96 -1.08 -31.74 -9.59
CA HIS B 96 -0.14 -31.23 -10.57
C HIS B 96 0.45 -32.36 -11.39
N PRO B 97 0.33 -32.33 -12.72
CA PRO B 97 0.99 -33.36 -13.54
C PRO B 97 2.50 -33.29 -13.42
N ALA B 98 3.11 -34.35 -12.86
CA ALA B 98 4.54 -34.34 -12.62
C ALA B 98 5.35 -34.31 -13.90
N GLY B 99 4.75 -34.66 -15.04
CA GLY B 99 5.46 -34.62 -16.30
C GLY B 99 5.51 -33.27 -16.96
N LEU B 100 4.83 -32.26 -16.41
CA LEU B 100 4.85 -30.93 -16.99
C LEU B 100 6.13 -30.17 -16.66
N LYS B 101 6.86 -30.61 -15.63
CA LYS B 101 8.16 -30.01 -15.33
C LYS B 101 9.13 -30.19 -16.49
N LYS B 102 9.15 -31.38 -17.08
CA LYS B 102 10.12 -31.76 -18.10
C LYS B 102 9.62 -31.55 -19.52
N LYS B 103 8.49 -30.87 -19.70
CA LYS B 103 7.92 -30.67 -21.02
C LYS B 103 8.84 -29.77 -21.86
N LYS B 104 8.46 -29.60 -23.13
CA LYS B 104 9.28 -28.84 -24.07
C LYS B 104 8.73 -27.46 -24.36
N SER B 105 7.41 -27.32 -24.49
CA SER B 105 6.80 -26.03 -24.78
C SER B 105 5.38 -26.02 -24.25
N VAL B 106 4.97 -24.91 -23.64
CA VAL B 106 3.64 -24.74 -23.08
C VAL B 106 3.08 -23.40 -23.51
N THR B 107 1.79 -23.39 -23.82
CA THR B 107 1.06 -22.18 -24.19
C THR B 107 0.00 -21.91 -23.14
N VAL B 108 -0.31 -20.62 -22.95
CA VAL B 108 -1.22 -20.17 -21.92
C VAL B 108 -2.48 -19.62 -22.58
N LEU B 109 -3.63 -20.10 -22.14
CA LEU B 109 -4.93 -19.65 -22.63
C LEU B 109 -5.79 -19.21 -21.45
N ASP B 110 -6.81 -18.42 -21.74
CA ASP B 110 -7.74 -17.92 -20.74
C ASP B 110 -9.13 -18.47 -21.03
N VAL B 111 -9.74 -19.09 -20.02
CA VAL B 111 -11.10 -19.61 -20.16
C VAL B 111 -11.99 -18.94 -19.13
N GLY B 112 -11.68 -17.67 -18.81
CA GLY B 112 -12.45 -16.97 -17.80
C GLY B 112 -13.89 -16.75 -18.21
N ASP B 113 -14.13 -16.43 -19.48
CA ASP B 113 -15.50 -16.21 -19.95
C ASP B 113 -16.33 -17.48 -19.82
N ALA B 114 -15.70 -18.65 -19.96
CA ALA B 114 -16.41 -19.91 -19.76
C ALA B 114 -16.93 -20.05 -18.34
N TYR B 115 -16.36 -19.32 -17.38
CA TYR B 115 -16.84 -19.31 -16.01
C TYR B 115 -18.01 -18.36 -15.80
N PHE B 116 -18.41 -17.62 -16.83
CA PHE B 116 -19.48 -16.64 -16.72
C PHE B 116 -20.86 -17.22 -16.97
N SER B 117 -21.03 -18.53 -16.84
CA SER B 117 -22.33 -19.17 -17.04
C SER B 117 -22.84 -19.92 -15.82
N VAL B 118 -21.91 -20.47 -15.03
CA VAL B 118 -22.30 -21.30 -13.84
C VAL B 118 -22.83 -20.38 -12.75
N PRO B 119 -24.08 -20.51 -12.29
CA PRO B 119 -24.57 -19.68 -11.18
C PRO B 119 -23.80 -19.97 -9.90
N LEU B 120 -23.61 -18.92 -9.11
CA LEU B 120 -22.88 -19.01 -7.86
C LEU B 120 -23.84 -19.42 -6.74
N ASP B 121 -23.26 -19.93 -5.65
CA ASP B 121 -24.04 -20.34 -4.49
C ASP B 121 -24.89 -19.20 -3.92
N GLU B 122 -26.17 -19.48 -3.70
CA GLU B 122 -27.13 -18.44 -3.35
C GLU B 122 -26.68 -17.68 -2.10
N ASP B 123 -26.21 -18.41 -1.09
CA ASP B 123 -25.81 -17.77 0.16
C ASP B 123 -24.45 -17.08 0.04
N PHE B 124 -23.56 -17.60 -0.79
CA PHE B 124 -22.19 -17.11 -0.82
C PHE B 124 -22.04 -15.78 -1.53
N ARG B 125 -22.97 -15.43 -2.41
CA ARG B 125 -22.77 -14.22 -3.23
C ARG B 125 -22.41 -13.03 -2.35
N LYS B 126 -23.07 -12.85 -1.21
CA LYS B 126 -22.87 -11.64 -0.41
C LYS B 126 -21.42 -11.43 -0.02
N TYR B 127 -20.57 -12.46 -0.13
CA TYR B 127 -19.16 -12.29 0.18
C TYR B 127 -18.37 -11.69 -0.97
N THR B 128 -18.83 -11.87 -2.20
CA THR B 128 -18.07 -11.44 -3.37
C THR B 128 -18.47 -10.04 -3.83
N ALA B 129 -18.43 -9.07 -2.92
CA ALA B 129 -18.87 -7.71 -3.21
C ALA B 129 -17.67 -6.81 -3.43
N PHE B 130 -17.79 -5.92 -4.43
CA PHE B 130 -16.74 -4.96 -4.71
C PHE B 130 -17.36 -3.58 -4.89
N THR B 131 -16.49 -2.57 -5.04
CA THR B 131 -16.91 -1.19 -5.06
C THR B 131 -16.13 -0.42 -6.12
N ILE B 132 -16.84 0.22 -7.04
CA ILE B 132 -16.23 1.13 -8.01
C ILE B 132 -16.17 2.52 -7.36
N PRO B 133 -14.99 3.09 -7.16
CA PRO B 133 -14.91 4.41 -6.52
C PRO B 133 -15.35 5.53 -7.45
N SER B 134 -15.23 6.77 -6.99
CA SER B 134 -15.58 7.93 -7.78
C SER B 134 -14.52 9.01 -7.62
N ILE B 135 -14.27 9.74 -8.69
CA ILE B 135 -13.28 10.80 -8.68
C ILE B 135 -13.72 11.92 -7.77
N ASN B 136 -12.84 12.35 -6.87
CA ASN B 136 -13.08 13.45 -5.93
C ASN B 136 -14.23 13.15 -4.98
N ASN B 137 -14.56 11.87 -4.78
CA ASN B 137 -15.60 11.46 -3.85
C ASN B 137 -16.93 12.15 -4.15
N GLU B 138 -17.22 12.35 -5.45
CA GLU B 138 -18.45 13.02 -5.83
C GLU B 138 -19.67 12.23 -5.37
N THR B 139 -19.71 10.94 -5.68
CA THR B 139 -20.78 10.07 -5.26
C THR B 139 -20.19 8.87 -4.54
N PRO B 140 -20.92 8.30 -3.57
CA PRO B 140 -20.42 7.11 -2.90
C PRO B 140 -20.18 5.98 -3.89
N GLY B 141 -19.15 5.19 -3.63
CA GLY B 141 -18.73 4.14 -4.54
C GLY B 141 -19.84 3.19 -4.91
N ILE B 142 -20.02 2.97 -6.21
CA ILE B 142 -21.09 2.09 -6.68
C ILE B 142 -20.73 0.66 -6.33
N ARG B 143 -21.53 0.03 -5.49
CA ARG B 143 -21.23 -1.32 -5.03
C ARG B 143 -21.83 -2.35 -5.97
N TYR B 144 -21.29 -3.56 -5.90
CA TYR B 144 -21.78 -4.67 -6.70
C TYR B 144 -21.48 -5.97 -5.98
N GLN B 145 -22.18 -7.03 -6.40
CA GLN B 145 -21.90 -8.38 -5.94
C GLN B 145 -22.10 -9.32 -7.11
N TYR B 146 -21.47 -10.48 -7.04
CA TYR B 146 -21.44 -11.42 -8.15
C TYR B 146 -22.61 -12.39 -8.05
N ASN B 147 -23.21 -12.69 -9.21
CA ASN B 147 -24.28 -13.68 -9.31
C ASN B 147 -23.84 -14.96 -9.97
N VAL B 148 -22.88 -14.90 -10.90
CA VAL B 148 -22.31 -16.08 -11.54
C VAL B 148 -20.93 -16.29 -10.96
N LEU B 149 -20.31 -17.42 -11.30
CA LEU B 149 -18.98 -17.77 -10.73
C LEU B 149 -18.01 -16.64 -11.09
N PRO B 150 -17.16 -16.19 -10.15
CA PRO B 150 -16.22 -15.11 -10.41
C PRO B 150 -14.90 -15.59 -10.97
N GLN B 151 -14.26 -14.69 -11.72
CA GLN B 151 -12.98 -14.98 -12.39
C GLN B 151 -11.86 -14.48 -11.49
N GLY B 152 -11.26 -15.39 -10.73
CA GLY B 152 -10.17 -15.03 -9.84
C GLY B 152 -10.22 -15.72 -8.50
N TRP B 153 -11.41 -16.19 -8.11
CA TRP B 153 -11.60 -16.87 -6.84
C TRP B 153 -11.26 -18.35 -7.00
N LYS B 154 -10.48 -18.92 -6.09
CA LYS B 154 -10.06 -20.33 -6.28
C LYS B 154 -11.24 -21.29 -6.06
N GLY B 155 -12.44 -20.79 -5.75
CA GLY B 155 -13.53 -21.73 -5.61
C GLY B 155 -14.03 -22.04 -7.01
N SER B 156 -13.95 -21.07 -7.92
CA SER B 156 -14.49 -21.28 -9.26
C SER B 156 -13.82 -22.43 -10.02
N PRO B 157 -12.49 -22.60 -10.03
CA PRO B 157 -11.93 -23.80 -10.65
C PRO B 157 -12.43 -25.08 -10.01
N ALA B 158 -12.64 -25.08 -8.69
CA ALA B 158 -13.15 -26.28 -8.02
C ALA B 158 -14.53 -26.64 -8.54
N ILE B 159 -15.40 -25.65 -8.74
CA ILE B 159 -16.74 -25.91 -9.23
C ILE B 159 -16.70 -26.35 -10.69
N PHE B 160 -15.90 -25.68 -11.50
CA PHE B 160 -15.88 -25.93 -12.94
C PHE B 160 -14.91 -27.02 -13.36
N GLN B 161 -14.27 -27.69 -12.40
CA GLN B 161 -13.32 -28.75 -12.75
C GLN B 161 -13.99 -29.87 -13.53
N SER B 162 -15.15 -30.32 -13.07
CA SER B 162 -15.83 -31.42 -13.75
C SER B 162 -16.25 -31.02 -15.15
N SER B 163 -16.81 -29.81 -15.30
CA SER B 163 -17.25 -29.35 -16.62
C SER B 163 -16.07 -29.20 -17.56
N MET B 164 -14.96 -28.64 -17.07
CA MET B 164 -13.77 -28.47 -17.91
C MET B 164 -13.19 -29.81 -18.30
N THR B 165 -13.20 -30.79 -17.39
CA THR B 165 -12.72 -32.12 -17.72
C THR B 165 -13.59 -32.77 -18.80
N LYS B 166 -14.91 -32.63 -18.67
CA LYS B 166 -15.79 -33.15 -19.72
C LYS B 166 -15.59 -32.43 -21.04
N ILE B 167 -15.25 -31.14 -21.00
CA ILE B 167 -14.92 -30.40 -22.21
C ILE B 167 -13.67 -30.98 -22.86
N LEU B 168 -12.64 -31.24 -22.05
CA LEU B 168 -11.33 -31.62 -22.55
C LEU B 168 -11.21 -33.10 -22.90
N GLU B 169 -12.13 -33.94 -22.42
CA GLU B 169 -12.03 -35.38 -22.67
C GLU B 169 -11.90 -35.74 -24.14
N PRO B 170 -12.69 -35.18 -25.07
CA PRO B 170 -12.48 -35.52 -26.49
C PRO B 170 -11.10 -35.15 -26.99
N PHE B 171 -10.65 -33.92 -26.74
CA PHE B 171 -9.35 -33.49 -27.24
C PHE B 171 -8.22 -34.23 -26.54
N LYS B 172 -8.37 -34.48 -25.24
CA LYS B 172 -7.36 -35.24 -24.51
C LYS B 172 -7.24 -36.67 -25.03
N LYS B 173 -8.38 -37.31 -25.30
CA LYS B 173 -8.36 -38.67 -25.82
C LYS B 173 -7.77 -38.71 -27.22
N GLN B 174 -8.13 -37.74 -28.06
CA GLN B 174 -7.58 -37.70 -29.42
C GLN B 174 -6.09 -37.41 -29.41
N ASN B 175 -5.64 -36.50 -28.54
CA ASN B 175 -4.23 -36.09 -28.46
C ASN B 175 -3.76 -36.20 -27.02
N PRO B 176 -3.43 -37.41 -26.56
CA PRO B 176 -2.92 -37.56 -25.19
C PRO B 176 -1.51 -37.05 -24.99
N ASP B 177 -0.79 -36.73 -26.08
CA ASP B 177 0.57 -36.26 -25.94
C ASP B 177 0.63 -34.94 -25.17
N ILE B 178 -0.27 -34.01 -25.47
CA ILE B 178 -0.27 -32.72 -24.79
C ILE B 178 -0.72 -32.91 -23.34
N VAL B 179 -0.14 -32.12 -22.45
CA VAL B 179 -0.48 -32.15 -21.03
C VAL B 179 -1.27 -30.89 -20.70
N ILE B 180 -2.39 -31.06 -20.01
CA ILE B 180 -3.31 -29.97 -19.72
C ILE B 180 -3.24 -29.67 -18.23
N TYR B 181 -3.00 -28.41 -17.88
CA TYR B 181 -3.06 -27.98 -16.50
C TYR B 181 -3.94 -26.75 -16.40
N GLN B 182 -4.57 -26.56 -15.24
CA GLN B 182 -5.48 -25.44 -15.03
C GLN B 182 -5.17 -24.79 -13.69
N TYR B 183 -4.76 -23.52 -13.73
CA TYR B 183 -4.58 -22.73 -12.52
C TYR B 183 -5.39 -21.45 -12.66
N MET B 184 -6.24 -21.23 -11.64
CA MET B 184 -7.22 -20.10 -11.65
C MET B 184 -8.05 -20.35 -12.90
N ASP B 185 -8.21 -19.35 -13.73
CA ASP B 185 -8.97 -19.51 -14.97
C ASP B 185 -8.05 -19.64 -16.17
N ASP B 186 -6.77 -19.86 -15.95
CA ASP B 186 -5.78 -19.99 -17.02
C ASP B 186 -5.44 -21.47 -17.25
N LEU B 187 -5.18 -21.80 -18.50
CA LEU B 187 -4.90 -23.16 -18.94
C LEU B 187 -3.54 -23.23 -19.58
N TYR B 188 -2.73 -24.19 -19.15
CA TYR B 188 -1.42 -24.45 -19.74
C TYR B 188 -1.50 -25.71 -20.57
N VAL B 189 -1.15 -25.59 -21.85
CA VAL B 189 -1.19 -26.70 -22.81
C VAL B 189 0.25 -27.00 -23.21
N GLY B 190 0.69 -28.22 -22.92
CA GLY B 190 2.07 -28.59 -23.18
C GLY B 190 2.36 -29.64 -24.24
N SER B 191 3.00 -29.22 -25.33
CA SER B 191 3.14 -30.01 -26.54
C SER B 191 4.61 -30.35 -26.78
N ASP B 192 4.85 -31.55 -27.29
CA ASP B 192 6.17 -31.95 -27.76
C ASP B 192 6.32 -31.79 -29.26
N LEU B 193 5.31 -31.27 -29.94
CA LEU B 193 5.35 -31.10 -31.39
C LEU B 193 6.34 -30.01 -31.78
N GLU B 194 6.50 -29.83 -33.08
CA GLU B 194 7.35 -28.76 -33.59
C GLU B 194 6.67 -27.40 -33.37
N ILE B 195 7.49 -26.35 -33.39
CA ILE B 195 6.98 -25.01 -33.11
C ILE B 195 5.98 -24.57 -34.18
N GLY B 196 6.20 -24.96 -35.44
CA GLY B 196 5.28 -24.57 -36.49
C GLY B 196 3.91 -25.19 -36.35
N GLN B 197 3.85 -26.46 -35.98
CA GLN B 197 2.59 -27.17 -35.85
C GLN B 197 1.95 -27.00 -34.48
N HIS B 198 2.74 -26.65 -33.46
CA HIS B 198 2.18 -26.46 -32.12
C HIS B 198 1.17 -25.32 -32.11
N ARG B 199 1.48 -24.23 -32.81
CA ARG B 199 0.55 -23.09 -32.86
C ARG B 199 -0.77 -23.48 -33.52
N THR B 200 -0.70 -24.22 -34.64
CA THR B 200 -1.92 -24.64 -35.31
C THR B 200 -2.70 -25.62 -34.45
N LYS B 201 -2.01 -26.48 -33.71
CA LYS B 201 -2.69 -27.38 -32.78
C LYS B 201 -3.39 -26.61 -31.67
N ILE B 202 -2.76 -25.55 -31.17
CA ILE B 202 -3.39 -24.75 -30.13
C ILE B 202 -4.60 -24.00 -30.69
N GLU B 203 -4.51 -23.54 -31.93
CA GLU B 203 -5.67 -22.94 -32.59
C GLU B 203 -6.79 -23.97 -32.74
N GLU B 204 -6.43 -25.21 -33.06
CA GLU B 204 -7.42 -26.28 -33.15
C GLU B 204 -8.07 -26.53 -31.79
N LEU B 205 -7.28 -26.51 -30.72
CA LEU B 205 -7.84 -26.66 -29.38
C LEU B 205 -8.79 -25.52 -29.04
N ARG B 206 -8.43 -24.29 -29.41
CA ARG B 206 -9.31 -23.15 -29.18
C ARG B 206 -10.61 -23.32 -29.95
N GLN B 207 -10.53 -23.77 -31.20
CA GLN B 207 -11.73 -23.99 -31.99
C GLN B 207 -12.60 -25.08 -31.38
N HIS B 208 -11.96 -26.14 -30.86
CA HIS B 208 -12.71 -27.21 -30.19
C HIS B 208 -13.41 -26.68 -28.95
N LEU B 209 -12.74 -25.82 -28.18
CA LEU B 209 -13.39 -25.18 -27.04
C LEU B 209 -14.57 -24.34 -27.48
N LEU B 210 -14.42 -23.62 -28.60
CA LEU B 210 -15.52 -22.84 -29.14
C LEU B 210 -16.70 -23.74 -29.51
N ARG B 211 -16.41 -24.91 -30.10
CA ARG B 211 -17.46 -25.83 -30.53
C ARG B 211 -18.25 -26.40 -29.35
N TRP B 212 -17.76 -26.25 -28.13
CA TRP B 212 -18.51 -26.63 -26.95
C TRP B 212 -19.46 -25.54 -26.47
N GLY B 213 -19.63 -24.47 -27.25
CA GLY B 213 -20.53 -23.40 -26.90
C GLY B 213 -19.97 -22.39 -25.93
N LEU B 214 -18.72 -22.53 -25.50
CA LEU B 214 -18.09 -21.60 -24.58
C LEU B 214 -16.99 -20.85 -25.30
N THR B 215 -17.11 -19.52 -25.35
CA THR B 215 -16.09 -18.69 -25.97
C THR B 215 -14.79 -18.79 -25.20
N THR B 216 -13.68 -18.61 -25.90
CA THR B 216 -12.36 -18.66 -25.26
C THR B 216 -11.35 -17.88 -26.08
N PRO B 217 -10.68 -16.87 -25.48
CA PRO B 217 -9.63 -16.13 -26.17
C PRO B 217 -8.32 -16.91 -26.24
N TYR B 232 3.79 -16.43 -26.11
CA TYR B 232 2.93 -17.34 -25.38
C TYR B 232 3.51 -18.74 -25.36
N GLU B 233 4.50 -18.99 -26.22
CA GLU B 233 5.13 -20.30 -26.33
C GLU B 233 6.21 -20.45 -25.26
N LEU B 234 5.74 -20.54 -24.01
CA LEU B 234 6.65 -20.73 -22.89
C LEU B 234 7.30 -22.11 -22.97
N HIS B 235 8.61 -22.15 -22.72
CA HIS B 235 9.38 -23.40 -22.82
C HIS B 235 9.90 -23.79 -21.44
N PRO B 236 9.23 -24.71 -20.75
CA PRO B 236 9.67 -25.08 -19.38
C PRO B 236 11.07 -25.65 -19.31
N ASP B 237 11.52 -26.37 -20.34
CA ASP B 237 12.78 -27.11 -20.23
C ASP B 237 13.99 -26.21 -20.06
N LYS B 238 13.87 -24.93 -20.39
CA LYS B 238 15.01 -24.02 -20.27
C LYS B 238 15.25 -23.56 -18.84
N TRP B 239 14.45 -24.01 -17.88
CA TRP B 239 14.55 -23.55 -16.50
C TRP B 239 15.40 -24.54 -15.71
N THR B 240 16.62 -24.12 -15.34
CA THR B 240 17.54 -24.94 -14.57
C THR B 240 18.12 -24.12 -13.43
N VAL B 241 18.38 -24.78 -12.30
CA VAL B 241 18.96 -24.11 -11.15
C VAL B 241 20.35 -23.61 -11.52
N GLN B 242 20.56 -22.29 -11.39
CA GLN B 242 21.86 -21.73 -11.74
C GLN B 242 22.88 -22.05 -10.65
N PRO B 243 24.12 -22.37 -11.02
CA PRO B 243 25.15 -22.65 -10.02
C PRO B 243 25.81 -21.36 -9.54
N ILE B 244 25.98 -21.25 -8.23
CA ILE B 244 26.72 -20.12 -7.66
C ILE B 244 28.19 -20.24 -8.04
N VAL B 245 28.80 -19.11 -8.40
CA VAL B 245 30.15 -19.10 -8.95
C VAL B 245 31.06 -18.34 -7.99
N LEU B 246 32.37 -18.71 -8.01
CA LEU B 246 33.49 -18.12 -7.30
C LEU B 246 34.39 -17.34 -8.24
N PRO B 247 35.01 -16.26 -7.78
CA PRO B 247 35.95 -15.52 -8.64
C PRO B 247 37.20 -16.35 -8.92
N GLU B 248 37.88 -15.97 -10.00
CA GLU B 248 39.06 -16.71 -10.44
C GLU B 248 40.02 -15.76 -11.12
N LYS B 249 41.17 -15.53 -10.50
CA LYS B 249 42.23 -14.74 -11.11
C LYS B 249 43.56 -15.09 -10.43
N ASP B 250 44.65 -14.77 -11.13
CA ASP B 250 45.97 -15.16 -10.63
C ASP B 250 46.40 -14.33 -9.44
N SER B 251 46.20 -13.01 -9.49
CA SER B 251 46.68 -12.10 -8.47
C SER B 251 45.57 -11.84 -7.45
N TRP B 252 45.59 -12.58 -6.35
CA TRP B 252 44.57 -12.48 -5.31
C TRP B 252 45.01 -11.43 -4.29
N THR B 253 44.31 -10.31 -4.26
CA THR B 253 44.56 -9.29 -3.26
C THR B 253 44.01 -9.73 -1.91
N VAL B 254 44.46 -9.05 -0.85
CA VAL B 254 43.98 -9.38 0.50
C VAL B 254 42.49 -9.14 0.61
N ASN B 255 41.99 -8.04 0.03
CA ASN B 255 40.56 -7.77 0.06
C ASN B 255 39.77 -8.85 -0.67
N ASP B 256 40.26 -9.27 -1.84
CA ASP B 256 39.55 -10.30 -2.59
C ASP B 256 39.58 -11.63 -1.85
N ILE B 257 40.69 -11.95 -1.19
CA ILE B 257 40.75 -13.17 -0.40
C ILE B 257 39.78 -13.10 0.77
N GLN B 258 39.65 -11.92 1.39
CA GLN B 258 38.69 -11.75 2.46
C GLN B 258 37.26 -11.95 1.95
N LYS B 259 36.95 -11.39 0.78
CA LYS B 259 35.63 -11.56 0.20
C LYS B 259 35.37 -13.02 -0.12
N LEU B 260 36.38 -13.73 -0.65
CA LEU B 260 36.22 -15.14 -0.95
C LEU B 260 35.99 -15.96 0.31
N VAL B 261 36.72 -15.66 1.39
CA VAL B 261 36.52 -16.37 2.64
C VAL B 261 35.11 -16.10 3.18
N GLY B 262 34.66 -14.85 3.09
CA GLY B 262 33.31 -14.54 3.52
C GLY B 262 32.25 -15.27 2.72
N LYS B 263 32.44 -15.34 1.40
CA LYS B 263 31.49 -16.05 0.54
C LYS B 263 31.49 -17.54 0.85
N LEU B 264 32.66 -18.12 1.10
CA LEU B 264 32.73 -19.53 1.48
C LEU B 264 32.02 -19.77 2.80
N ASN B 265 32.20 -18.86 3.77
CA ASN B 265 31.48 -18.97 5.03
C ASN B 265 29.97 -18.91 4.82
N TRP B 266 29.52 -17.97 3.99
CA TRP B 266 28.09 -17.82 3.74
C TRP B 266 27.52 -19.02 3.00
N ALA B 267 28.31 -19.66 2.14
CA ALA B 267 27.87 -20.85 1.44
C ALA B 267 28.05 -22.12 2.26
N SER B 268 28.75 -22.05 3.39
CA SER B 268 28.92 -23.24 4.22
C SER B 268 27.59 -23.76 4.75
N GLN B 269 26.60 -22.88 4.95
CA GLN B 269 25.30 -23.35 5.40
C GLN B 269 24.59 -24.15 4.32
N ILE B 270 24.55 -23.62 3.09
CA ILE B 270 23.81 -24.29 2.02
C ILE B 270 24.53 -25.54 1.54
N TYR B 271 25.86 -25.52 1.50
CA TYR B 271 26.63 -26.71 1.17
C TYR B 271 27.38 -27.20 2.40
N PRO B 272 27.00 -28.35 2.97
CA PRO B 272 27.71 -28.84 4.18
C PRO B 272 29.19 -29.11 3.96
N GLY B 273 29.58 -29.53 2.76
CA GLY B 273 30.96 -29.88 2.49
C GLY B 273 31.91 -28.73 2.29
N ILE B 274 31.42 -27.49 2.35
CA ILE B 274 32.27 -26.32 2.17
C ILE B 274 33.22 -26.19 3.35
N LYS B 275 34.52 -26.05 3.06
CA LYS B 275 35.53 -25.89 4.08
C LYS B 275 36.42 -24.71 3.72
N VAL B 276 36.59 -23.79 4.67
CA VAL B 276 37.50 -22.65 4.52
C VAL B 276 38.43 -22.63 5.72
N ARG B 277 39.59 -23.27 5.58
CA ARG B 277 40.57 -23.33 6.66
C ARG B 277 41.97 -22.94 6.20
N GLN B 278 42.35 -23.34 4.98
CA GLN B 278 43.70 -23.03 4.50
C GLN B 278 43.83 -21.54 4.17
N LEU B 279 42.74 -20.91 3.72
CA LEU B 279 42.78 -19.47 3.48
C LEU B 279 42.76 -18.69 4.80
N SER B 280 42.16 -19.25 5.84
CA SER B 280 42.20 -18.61 7.15
C SER B 280 43.64 -18.53 7.67
N LYS B 281 44.40 -19.61 7.51
CA LYS B 281 45.82 -19.57 7.85
C LYS B 281 46.60 -18.69 6.89
N LEU B 282 46.07 -18.44 5.70
CA LEU B 282 46.75 -17.57 4.74
C LEU B 282 46.67 -16.11 5.14
N LEU B 283 45.68 -15.74 5.96
CA LEU B 283 45.53 -14.37 6.47
C LEU B 283 45.77 -14.25 7.96
N ARG B 284 47.04 -13.98 8.32
CA ARG B 284 47.43 -13.96 9.74
C ARG B 284 47.73 -12.52 10.16
N GLY B 285 48.61 -11.85 9.41
CA GLY B 285 49.01 -10.50 9.79
C GLY B 285 47.98 -9.46 9.38
N THR B 286 48.06 -8.31 10.05
CA THR B 286 47.18 -7.18 9.77
C THR B 286 47.68 -6.43 8.53
N LYS B 287 47.51 -7.08 7.39
CA LYS B 287 48.00 -6.56 6.12
C LYS B 287 46.97 -5.63 5.49
N ALA B 288 47.47 -4.76 4.61
CA ALA B 288 46.60 -3.84 3.89
C ALA B 288 45.70 -4.60 2.93
N LEU B 289 44.52 -4.01 2.66
CA LEU B 289 43.53 -4.69 1.85
C LEU B 289 43.91 -4.71 0.37
N THR B 290 44.85 -3.87 -0.06
CA THR B 290 45.14 -3.72 -1.47
C THR B 290 46.39 -4.45 -1.94
N GLU B 291 47.43 -4.52 -1.11
CA GLU B 291 48.68 -5.13 -1.53
C GLU B 291 48.47 -6.59 -1.90
N VAL B 292 49.09 -7.00 -3.01
CA VAL B 292 48.88 -8.35 -3.52
C VAL B 292 49.59 -9.35 -2.63
N ILE B 293 48.84 -10.35 -2.16
CA ILE B 293 49.39 -11.44 -1.37
C ILE B 293 49.43 -12.69 -2.23
N PRO B 294 50.63 -13.22 -2.53
CA PRO B 294 50.69 -14.42 -3.39
C PRO B 294 49.99 -15.60 -2.73
N LEU B 295 49.32 -16.39 -3.57
CA LEU B 295 48.50 -17.50 -3.11
C LEU B 295 49.21 -18.81 -3.44
N THR B 296 49.43 -19.63 -2.42
CA THR B 296 50.25 -20.83 -2.54
C THR B 296 49.47 -21.95 -3.23
N GLU B 297 50.14 -23.10 -3.40
CA GLU B 297 49.52 -24.22 -4.09
C GLU B 297 48.48 -24.94 -3.23
N GLU B 298 48.64 -24.92 -1.91
CA GLU B 298 47.63 -25.53 -1.04
C GLU B 298 46.29 -24.82 -1.20
N ALA B 299 46.30 -23.49 -1.19
CA ALA B 299 45.06 -22.75 -1.41
C ALA B 299 44.51 -22.96 -2.81
N GLU B 300 45.39 -23.16 -3.80
CA GLU B 300 44.91 -23.49 -5.14
C GLU B 300 44.17 -24.82 -5.15
N LEU B 301 44.72 -25.83 -4.47
CA LEU B 301 44.04 -27.11 -4.37
C LEU B 301 42.72 -26.98 -3.63
N GLU B 302 42.69 -26.18 -2.56
CA GLU B 302 41.45 -25.98 -1.83
C GLU B 302 40.39 -25.30 -2.68
N LEU B 303 40.80 -24.30 -3.47
CA LEU B 303 39.86 -23.64 -4.37
C LEU B 303 39.34 -24.59 -5.43
N ALA B 304 40.22 -25.43 -5.98
CA ALA B 304 39.78 -26.42 -6.96
C ALA B 304 38.77 -27.39 -6.35
N GLU B 305 39.03 -27.85 -5.13
CA GLU B 305 38.10 -28.76 -4.46
C GLU B 305 36.77 -28.07 -4.18
N ASN B 306 36.81 -26.79 -3.78
CA ASN B 306 35.58 -26.05 -3.52
C ASN B 306 34.76 -25.89 -4.79
N ARG B 307 35.42 -25.55 -5.90
CA ARG B 307 34.71 -25.46 -7.17
C ARG B 307 34.17 -26.81 -7.62
N GLU B 308 34.89 -27.90 -7.32
CA GLU B 308 34.37 -29.22 -7.60
C GLU B 308 33.10 -29.50 -6.81
N ILE B 309 33.07 -29.08 -5.54
CA ILE B 309 31.87 -29.25 -4.73
C ILE B 309 30.72 -28.42 -5.30
N LEU B 310 30.99 -27.17 -5.65
CA LEU B 310 29.96 -26.31 -6.22
C LEU B 310 29.49 -26.78 -7.60
N LYS B 311 30.28 -27.61 -8.28
CA LYS B 311 29.85 -28.16 -9.56
C LYS B 311 28.61 -29.03 -9.38
N GLU B 312 28.58 -29.82 -8.32
CA GLU B 312 27.40 -30.64 -8.03
C GLU B 312 26.27 -29.77 -7.52
N PRO B 313 25.02 -30.17 -7.75
CA PRO B 313 23.89 -29.42 -7.21
C PRO B 313 23.73 -29.66 -5.71
N VAL B 314 22.90 -28.81 -5.09
CA VAL B 314 22.61 -28.97 -3.67
C VAL B 314 21.90 -30.30 -3.44
N HIS B 315 22.26 -30.97 -2.34
CA HIS B 315 21.70 -32.28 -2.00
C HIS B 315 20.89 -32.16 -0.72
N GLY B 316 19.66 -32.66 -0.75
CA GLY B 316 18.78 -32.66 0.41
C GLY B 316 17.52 -31.85 0.26
N VAL B 317 17.26 -31.21 -0.88
CA VAL B 317 16.08 -30.39 -1.06
C VAL B 317 14.96 -31.26 -1.64
N TYR B 318 13.79 -31.19 -1.02
CA TYR B 318 12.63 -31.94 -1.49
C TYR B 318 11.38 -31.09 -1.30
N TYR B 319 10.38 -31.34 -2.15
CA TYR B 319 9.18 -30.52 -2.17
C TYR B 319 8.10 -31.16 -1.30
N ASP B 320 7.63 -30.42 -0.31
CA ASP B 320 6.54 -30.85 0.57
C ASP B 320 5.32 -30.01 0.27
N PRO B 321 4.24 -30.58 -0.28
CA PRO B 321 3.05 -29.77 -0.60
C PRO B 321 2.39 -29.15 0.62
N SER B 322 2.60 -29.69 1.81
CA SER B 322 1.97 -29.13 3.00
C SER B 322 2.51 -27.73 3.31
N LYS B 323 3.81 -27.53 3.17
CA LYS B 323 4.40 -26.24 3.46
C LYS B 323 4.25 -25.30 2.27
N ASP B 324 4.52 -24.02 2.49
CA ASP B 324 4.30 -22.98 1.51
C ASP B 324 5.61 -22.52 0.89
N LEU B 325 5.52 -22.03 -0.35
CA LEU B 325 6.68 -21.59 -1.11
C LEU B 325 6.94 -20.11 -0.85
N ILE B 326 8.19 -19.77 -0.58
CA ILE B 326 8.62 -18.39 -0.37
C ILE B 326 9.64 -18.04 -1.44
N ALA B 327 9.39 -16.97 -2.19
CA ALA B 327 10.27 -16.55 -3.26
C ALA B 327 10.88 -15.20 -2.91
N GLU B 328 12.20 -15.17 -2.78
CA GLU B 328 12.93 -13.95 -2.45
C GLU B 328 13.56 -13.36 -3.70
N ILE B 329 13.55 -12.04 -3.79
CA ILE B 329 14.04 -11.32 -4.96
C ILE B 329 15.10 -10.32 -4.51
N GLN B 330 16.22 -10.29 -5.22
CA GLN B 330 17.27 -9.31 -5.02
C GLN B 330 17.50 -8.54 -6.32
N LYS B 331 17.89 -7.28 -6.20
CA LYS B 331 18.22 -6.44 -7.34
C LYS B 331 19.74 -6.25 -7.38
N GLN B 332 20.36 -6.64 -8.49
CA GLN B 332 21.80 -6.54 -8.65
C GLN B 332 22.21 -5.32 -9.45
N GLY B 333 21.26 -4.45 -9.81
CA GLY B 333 21.57 -3.29 -10.62
C GLY B 333 21.77 -3.66 -12.08
N GLN B 334 21.89 -2.61 -12.90
CA GLN B 334 22.09 -2.75 -14.34
C GLN B 334 21.00 -3.62 -14.96
N GLY B 335 19.78 -3.48 -14.44
CA GLY B 335 18.65 -4.24 -14.94
C GLY B 335 18.79 -5.74 -14.77
N GLN B 336 19.25 -6.18 -13.60
CA GLN B 336 19.40 -7.59 -13.30
C GLN B 336 18.76 -7.91 -11.97
N TRP B 337 17.98 -8.98 -11.94
CA TRP B 337 17.31 -9.43 -10.72
C TRP B 337 17.62 -10.90 -10.51
N THR B 338 17.59 -11.33 -9.25
CA THR B 338 17.77 -12.73 -8.93
C THR B 338 16.61 -13.17 -8.03
N TYR B 339 16.19 -14.42 -8.21
CA TYR B 339 15.11 -14.95 -7.41
C TYR B 339 15.49 -16.33 -6.89
N GLN B 340 15.02 -16.62 -5.68
CA GLN B 340 15.23 -17.91 -5.04
C GLN B 340 13.92 -18.39 -4.46
N ILE B 341 13.45 -19.54 -4.92
CA ILE B 341 12.23 -20.16 -4.43
C ILE B 341 12.63 -21.25 -3.44
N TYR B 342 12.15 -21.15 -2.21
CA TYR B 342 12.54 -22.09 -1.17
C TYR B 342 11.38 -22.30 -0.20
N GLN B 343 11.42 -23.44 0.49
CA GLN B 343 10.43 -23.80 1.50
C GLN B 343 11.03 -23.82 2.90
N GLU B 344 12.18 -24.48 3.07
CA GLU B 344 12.93 -24.51 4.31
C GLU B 344 14.15 -23.61 4.14
N PRO B 345 14.43 -22.70 5.06
CA PRO B 345 15.44 -21.67 4.79
C PRO B 345 16.83 -22.26 4.61
N PHE B 346 17.61 -21.59 3.75
CA PHE B 346 18.95 -21.98 3.32
C PHE B 346 18.98 -23.26 2.49
N LYS B 347 17.82 -23.75 2.03
CA LYS B 347 17.75 -24.86 1.10
C LYS B 347 16.86 -24.41 -0.06
N ASN B 348 17.47 -23.78 -1.06
CA ASN B 348 16.71 -23.26 -2.18
C ASN B 348 16.15 -24.39 -3.02
N LEU B 349 14.84 -24.35 -3.27
CA LEU B 349 14.24 -25.29 -4.21
C LEU B 349 14.56 -24.92 -5.64
N LYS B 350 14.80 -23.64 -5.91
CA LYS B 350 15.21 -23.19 -7.23
C LYS B 350 15.86 -21.83 -7.12
N THR B 351 16.81 -21.55 -8.01
CA THR B 351 17.45 -20.25 -8.10
C THR B 351 17.43 -19.81 -9.56
N GLY B 352 17.48 -18.51 -9.77
CA GLY B 352 17.43 -18.02 -11.13
C GLY B 352 18.02 -16.63 -11.27
N LYS B 353 17.78 -16.06 -12.45
CA LYS B 353 18.21 -14.69 -12.75
C LYS B 353 17.39 -14.18 -13.93
N TYR B 354 16.95 -12.93 -13.83
CA TYR B 354 16.12 -12.28 -14.83
C TYR B 354 16.81 -11.01 -15.28
N ALA B 355 16.70 -10.70 -16.57
CA ALA B 355 17.36 -9.53 -17.12
C ALA B 355 16.62 -9.07 -18.36
N ARG B 356 16.21 -7.81 -18.38
CA ARG B 356 15.53 -7.25 -19.55
C ARG B 356 15.86 -5.76 -19.64
N MET B 357 16.18 -5.31 -20.85
CA MET B 357 16.48 -3.92 -21.10
C MET B 357 15.26 -3.09 -21.49
N ARG B 358 14.11 -3.75 -21.70
CA ARG B 358 12.90 -3.01 -22.06
C ARG B 358 12.34 -2.25 -20.87
N GLY B 359 12.43 -2.81 -19.67
CA GLY B 359 11.93 -2.11 -18.50
C GLY B 359 12.73 -0.86 -18.18
N ALA B 360 14.07 -0.96 -18.22
CA ALA B 360 14.92 0.15 -17.81
C ALA B 360 14.67 1.39 -18.66
N HIS B 361 14.51 1.19 -19.98
CA HIS B 361 14.16 2.31 -20.84
C HIS B 361 12.81 2.90 -20.45
N THR B 362 11.91 2.09 -19.89
CA THR B 362 10.61 2.58 -19.49
C THR B 362 10.56 2.98 -18.01
N ASN B 363 10.79 2.04 -17.11
CA ASN B 363 10.53 2.25 -15.68
C ASN B 363 11.51 1.42 -14.86
N ASP B 364 11.23 1.26 -13.58
CA ASP B 364 11.95 0.33 -12.73
C ASP B 364 11.04 -0.59 -11.93
N VAL B 365 9.89 -0.10 -11.46
CA VAL B 365 8.89 -1.00 -10.88
C VAL B 365 8.37 -1.95 -11.94
N LYS B 366 8.43 -1.56 -13.22
CA LYS B 366 8.08 -2.48 -14.29
C LYS B 366 8.94 -3.72 -14.23
N GLN B 367 10.27 -3.55 -14.31
CA GLN B 367 11.17 -4.70 -14.25
C GLN B 367 10.78 -5.66 -13.14
N LEU B 368 10.48 -5.12 -11.96
CA LEU B 368 10.05 -5.97 -10.85
C LEU B 368 8.72 -6.64 -11.15
N THR B 369 7.81 -5.95 -11.83
CA THR B 369 6.48 -6.53 -12.08
C THR B 369 6.55 -7.72 -13.04
N GLU B 370 7.19 -7.54 -14.19
CA GLU B 370 7.42 -8.71 -15.04
C GLU B 370 8.33 -9.75 -14.41
N ALA B 371 9.24 -9.36 -13.51
CA ALA B 371 10.00 -10.38 -12.79
C ALA B 371 9.09 -11.25 -11.94
N VAL B 372 8.15 -10.62 -11.22
CA VAL B 372 7.21 -11.37 -10.39
C VAL B 372 6.32 -12.25 -11.25
N GLN B 373 5.85 -11.72 -12.39
CA GLN B 373 5.03 -12.52 -13.28
C GLN B 373 5.79 -13.74 -13.79
N LYS B 374 7.05 -13.55 -14.21
CA LYS B 374 7.84 -14.68 -14.69
C LYS B 374 8.07 -15.71 -13.60
N ILE B 375 8.39 -15.26 -12.38
CA ILE B 375 8.63 -16.20 -11.29
C ILE B 375 7.37 -16.99 -10.97
N THR B 376 6.23 -16.30 -10.90
CA THR B 376 4.99 -16.98 -10.53
C THR B 376 4.55 -17.96 -11.62
N THR B 377 4.75 -17.59 -12.90
CA THR B 377 4.42 -18.52 -13.97
C THR B 377 5.34 -19.75 -13.92
N GLU B 378 6.64 -19.53 -13.70
CA GLU B 378 7.57 -20.64 -13.57
C GLU B 378 7.15 -21.57 -12.45
N SER B 379 6.78 -21.00 -11.30
CA SER B 379 6.45 -21.84 -10.14
C SER B 379 5.11 -22.55 -10.33
N ILE B 380 4.16 -21.94 -11.03
CA ILE B 380 2.92 -22.65 -11.34
C ILE B 380 3.20 -23.83 -12.26
N VAL B 381 4.02 -23.62 -13.28
CA VAL B 381 4.31 -24.70 -14.23
C VAL B 381 5.09 -25.82 -13.55
N ILE B 382 6.06 -25.48 -12.70
CA ILE B 382 6.92 -26.49 -12.11
C ILE B 382 6.26 -27.15 -10.89
N TRP B 383 5.97 -26.35 -9.86
CA TRP B 383 5.41 -26.93 -8.63
C TRP B 383 3.90 -27.03 -8.71
N GLY B 384 3.22 -25.92 -9.04
CA GLY B 384 1.78 -25.95 -9.17
C GLY B 384 1.05 -25.00 -8.24
N LYS B 385 1.77 -24.02 -7.68
CA LYS B 385 1.13 -23.02 -6.83
C LYS B 385 1.99 -21.77 -6.81
N THR B 386 1.35 -20.61 -6.68
CA THR B 386 2.05 -19.35 -6.69
C THR B 386 2.86 -19.18 -5.41
N PRO B 387 4.09 -18.70 -5.49
CA PRO B 387 4.88 -18.47 -4.26
C PRO B 387 4.41 -17.24 -3.52
N LYS B 388 4.81 -17.16 -2.25
CA LYS B 388 4.67 -15.94 -1.47
C LYS B 388 5.93 -15.11 -1.68
N PHE B 389 5.79 -13.94 -2.28
CA PHE B 389 6.95 -13.16 -2.67
C PHE B 389 7.46 -12.32 -1.51
N LYS B 390 8.73 -11.97 -1.57
CA LYS B 390 9.36 -11.03 -0.64
C LYS B 390 9.98 -9.92 -1.49
N LEU B 391 9.17 -8.92 -1.80
CA LEU B 391 9.59 -7.89 -2.75
C LEU B 391 10.62 -6.96 -2.12
N PRO B 392 11.63 -6.52 -2.88
CA PRO B 392 12.58 -5.52 -2.41
C PRO B 392 12.14 -4.08 -2.72
N ILE B 393 10.93 -3.73 -2.30
CA ILE B 393 10.34 -2.45 -2.67
C ILE B 393 9.50 -1.92 -1.51
N GLN B 394 9.47 -0.59 -1.38
CA GLN B 394 8.64 0.05 -0.39
C GLN B 394 7.16 -0.16 -0.72
N LYS B 395 6.34 -0.30 0.32
CA LYS B 395 4.95 -0.69 0.12
C LYS B 395 4.17 0.35 -0.67
N GLU B 396 4.37 1.63 -0.37
CA GLU B 396 3.57 2.67 -1.01
C GLU B 396 3.84 2.75 -2.50
N THR B 397 5.11 2.78 -2.89
CA THR B 397 5.46 2.88 -4.30
C THR B 397 5.17 1.60 -5.07
N TRP B 398 4.86 0.51 -4.38
CA TRP B 398 4.41 -0.70 -5.04
C TRP B 398 2.90 -0.72 -5.22
N GLU B 399 2.16 -0.45 -4.15
CA GLU B 399 0.71 -0.41 -4.24
C GLU B 399 0.23 0.69 -5.17
N THR B 400 1.03 1.75 -5.36
CA THR B 400 0.60 2.80 -6.27
C THR B 400 0.77 2.39 -7.72
N TRP B 401 1.82 1.65 -8.06
CA TRP B 401 2.23 1.46 -9.45
C TRP B 401 2.17 0.03 -9.95
N TRP B 402 1.82 -0.95 -9.11
CA TRP B 402 1.81 -2.32 -9.59
C TRP B 402 0.62 -2.66 -10.46
N THR B 403 -0.35 -1.76 -10.58
CA THR B 403 -1.53 -2.01 -11.41
C THR B 403 -1.36 -1.50 -12.83
N GLU B 404 -0.38 -0.63 -13.08
CA GLU B 404 -0.19 -0.09 -14.43
C GLU B 404 0.52 -1.05 -15.36
N TYR B 405 1.21 -2.06 -14.82
CA TYR B 405 1.99 -2.98 -15.63
C TYR B 405 1.57 -4.44 -15.47
N TRP B 406 0.71 -4.76 -14.50
CA TRP B 406 0.27 -6.13 -14.32
C TRP B 406 -0.58 -6.58 -15.50
N GLN B 407 -0.36 -7.82 -15.94
CA GLN B 407 -1.09 -8.35 -17.08
C GLN B 407 -1.54 -9.79 -16.89
N ALA B 408 -1.34 -10.37 -15.71
CA ALA B 408 -1.72 -11.76 -15.44
C ALA B 408 -2.92 -11.77 -14.50
N THR B 409 -3.92 -12.55 -14.83
CA THR B 409 -5.18 -12.57 -14.08
C THR B 409 -5.04 -13.15 -12.68
N TRP B 410 -3.85 -13.50 -12.21
CA TRP B 410 -3.63 -13.95 -10.85
C TRP B 410 -2.86 -12.89 -10.08
N ILE B 411 -2.97 -12.95 -8.75
CA ILE B 411 -2.24 -12.02 -7.89
C ILE B 411 -1.65 -12.82 -6.74
N PRO B 412 -0.35 -13.12 -6.76
CA PRO B 412 0.25 -13.88 -5.67
C PRO B 412 0.35 -13.05 -4.41
N GLU B 413 0.38 -13.72 -3.27
CA GLU B 413 0.65 -13.03 -2.02
C GLU B 413 2.08 -12.53 -1.98
N TRP B 414 2.27 -11.32 -1.45
CA TRP B 414 3.60 -10.77 -1.25
C TRP B 414 3.72 -10.04 0.07
N GLU B 415 4.93 -10.06 0.61
CA GLU B 415 5.35 -9.27 1.75
C GLU B 415 6.55 -8.42 1.32
N PHE B 416 6.72 -7.27 1.95
CA PHE B 416 7.80 -6.35 1.62
C PHE B 416 8.91 -6.44 2.65
N VAL B 417 10.16 -6.36 2.19
CA VAL B 417 11.32 -6.38 3.06
C VAL B 417 11.76 -4.96 3.32
N ASN B 418 12.37 -4.74 4.50
CA ASN B 418 12.90 -3.44 4.89
C ASN B 418 14.37 -3.47 5.24
N THR B 419 14.83 -4.55 5.88
CA THR B 419 16.26 -4.72 6.13
C THR B 419 16.98 -4.98 4.82
N PRO B 420 18.05 -4.25 4.51
CA PRO B 420 18.75 -4.46 3.25
C PRO B 420 19.42 -5.82 3.22
N PRO B 421 19.31 -6.54 2.11
CA PRO B 421 20.06 -7.80 1.98
C PRO B 421 21.49 -7.54 1.59
N LEU B 422 22.31 -7.20 2.59
CA LEU B 422 23.70 -6.83 2.34
C LEU B 422 24.52 -7.99 1.78
N VAL B 423 24.04 -9.22 1.92
CA VAL B 423 24.79 -10.39 1.47
C VAL B 423 25.05 -10.28 -0.02
N LYS B 424 23.99 -10.32 -0.82
CA LYS B 424 24.05 -10.15 -2.28
C LYS B 424 25.24 -10.89 -2.90
N LEU B 425 25.54 -12.09 -2.39
CA LEU B 425 26.69 -12.85 -2.85
C LEU B 425 26.35 -13.78 -4.01
N TRP B 426 25.10 -13.78 -4.48
CA TRP B 426 24.75 -14.58 -5.65
C TRP B 426 25.45 -14.04 -6.89
N TYR B 427 25.54 -12.72 -7.02
CA TYR B 427 26.34 -12.07 -8.06
C TYR B 427 27.27 -11.07 -7.38
N GLN B 428 28.51 -11.48 -7.13
CA GLN B 428 29.49 -10.64 -6.47
C GLN B 428 30.23 -9.77 -7.47
N1 OMC C 7 -18.89 9.31 12.96
C2 OMC C 7 -18.62 10.55 12.33
N3 OMC C 7 -18.09 11.56 13.06
C4 OMC C 7 -17.81 11.41 14.38
C5 OMC C 7 -18.08 10.21 15.00
C6 OMC C 7 -18.62 9.18 14.27
O2 OMC C 7 -18.85 10.74 11.13
N4 OMC C 7 -17.27 12.43 15.10
C1' OMC C 7 -19.47 8.16 12.24
C2' OMC C 7 -18.51 7.67 11.18
O2' OMC C 7 -19.27 7.03 10.18
CM2 OMC C 7 -20.25 7.91 9.65
C3' OMC C 7 -17.64 6.67 11.90
C4' OMC C 7 -18.61 6.04 12.88
O4' OMC C 7 -19.58 7.05 13.14
O3' OMC C 7 -17.07 5.74 10.99
C5' OMC C 7 -17.93 5.66 14.18
O5' OMC C 7 -18.91 5.04 15.01
P OMC C 7 -19.10 5.48 16.54
OP1 OMC C 7 -18.78 4.29 17.41
OP2 OMC C 7 -18.36 6.78 16.76
N1 OMC C 9 -11.39 11.73 7.98
C2 OMC C 9 -10.90 12.73 8.83
N3 OMC C 9 -10.96 12.59 10.16
C4 OMC C 9 -11.50 11.50 10.71
C5 OMC C 9 -11.99 10.49 9.90
C6 OMC C 9 -11.93 10.64 8.51
O2 OMC C 9 -10.40 13.76 8.36
N4 OMC C 9 -11.56 11.36 12.06
C1' OMC C 9 -11.32 11.88 6.52
C2' OMC C 9 -9.88 11.86 6.07
O2' OMC C 9 -9.74 12.73 4.95
CM2 OMC C 9 -10.14 14.07 5.19
C3' OMC C 9 -9.65 10.45 5.62
C4' OMC C 9 -10.97 10.16 4.96
O4' OMC C 9 -11.91 10.76 5.86
O3' OMC C 9 -8.55 10.38 4.71
C5' OMC C 9 -11.26 8.68 4.83
O5' OMC C 9 -11.56 8.14 6.10
P OMC C 9 -12.36 6.75 6.21
OP1 OMC C 9 -12.00 5.88 5.03
OP2 OMC C 9 -12.16 6.24 7.62
C8 2KW D . -20.54 22.02 -7.70
C7 2KW D . -20.50 22.93 -6.52
C9 2KW D . -19.69 22.28 -8.89
C10 2KW D . -18.78 23.50 -8.91
C6 2KW D . -20.24 24.29 -0.95
C5 2KW D . -19.27 22.12 -1.82
C4 2KW D . -20.07 23.23 -2.03
C3 2KW D . -20.75 23.39 -3.23
C2 2KW D . -20.62 22.46 -4.24
C1 2KW D . -19.81 21.34 -4.04
C13 2KW D . -21.46 20.81 -7.66
C12 2KW D . -19.60 24.16 -6.55
C24 2KW D . -19.01 28.29 -6.65
C18 2KW D . -18.44 26.71 -8.59
C17 2KW D . -17.88 25.59 -7.74
C21 2KW D . -19.37 28.73 -9.22
C 2KW D . -19.14 21.18 -2.83
F 2KW D . -21.04 19.89 -8.59
N 2KW D . -20.38 25.10 -0.17
O 2KW D . -21.32 22.64 -5.43
CL 2KW D . -18.07 19.80 -2.47
N11 2KW D . -18.75 24.42 -7.73
F14 2KW D . -22.73 21.20 -7.94
F15 2KW D . -21.42 20.25 -6.42
O16 2KW D . -19.56 24.88 -5.63
N19 2KW D . -18.52 26.68 -9.99
N20 2KW D . -19.08 27.90 -10.44
N22 2KW D . -18.94 27.92 -8.05
O23 2KW D . -19.85 29.80 -9.19
#